data_1AIF
#
_entry.id   1AIF
#
_cell.length_a   57.200
_cell.length_b   71.200
_cell.length_c   75.800
_cell.angle_alpha   85.30
_cell.angle_beta   121.40
_cell.angle_gamma   116.50
#
_symmetry.space_group_name_H-M   'P 1'
#
loop_
_entity.id
_entity.type
_entity.pdbx_description
1 polymer 'ANTI-IDIOTYPIC FAB 409.5.3 (IGG2A) FAB (LIGHT CHAIN)'
2 polymer 'ANTI-IDIOTYPIC FAB 409.5.3 (IGG2A) FAB (HEAVY CHAIN)'
#
loop_
_entity_poly.entity_id
_entity_poly.type
_entity_poly.pdbx_seq_one_letter_code
_entity_poly.pdbx_strand_id
1 'polypeptide(L)'
;DIQLTQSPAFMAASPGEKVTITCSVSSSISSSNLHWYQQKSETSPKPWIYGTSNLASGVPVRFSGSGSGTSYSLTISSME
AEDAATYYCQQWNSYPYTFGGGTKLEIKRADAAPTVSIFPPSSEQLTSGGASVVCFLNNFYPKDINVKWKIDGSERQNGV
LNSWTDQDSKDSTYSMSSTLTLTKDEYERHNSYTCEATHKTSTSPIVKSFNRNEC
;
L,A
2 'polypeptide(L)'
;EVKLQESGGGLVQPGGSMKLSCVASGFTFNNYWMSWVRQSPEKGLEWVAEIRLNSDNFATHYAESVKGKFIISRDDSKSR
LYLQMNSLRAEDTGIYYCVLRPLFYYAVDYWGQGTSVTVSSAKTTPPSVYPLAPGSAAQTNSMVTLGCLVKGYFPEPVTV
TWNSGSLSSGVHTFPAVLQSDLYTLSSSVTVPSTWRPSETVTCNVAHPASSTKVDKKI
;
H,B
#
# COMPACT_ATOMS: atom_id res chain seq x y z
N ASP A 1 20.87 -17.81 6.74
CA ASP A 1 19.84 -18.22 5.74
C ASP A 1 20.24 -19.40 4.81
N ILE A 2 19.32 -20.37 4.69
CA ILE A 2 19.42 -21.61 3.88
C ILE A 2 18.22 -21.61 2.86
N GLN A 3 18.51 -21.77 1.57
CA GLN A 3 17.52 -21.48 0.55
C GLN A 3 17.05 -22.55 -0.41
N LEU A 4 15.74 -22.76 -0.46
CA LEU A 4 15.15 -23.63 -1.47
C LEU A 4 14.41 -22.69 -2.44
N THR A 5 14.45 -22.93 -3.75
CA THR A 5 13.59 -22.17 -4.68
C THR A 5 12.87 -23.10 -5.69
N GLN A 6 11.64 -22.74 -6.07
CA GLN A 6 10.87 -23.59 -6.97
C GLN A 6 10.66 -23.16 -8.43
N SER A 7 11.14 -24.02 -9.31
CA SER A 7 11.01 -23.87 -10.75
C SER A 7 9.81 -24.70 -11.07
N PRO A 8 8.73 -24.08 -11.50
CA PRO A 8 8.50 -22.67 -11.73
C PRO A 8 7.42 -22.15 -10.83
N ALA A 9 7.03 -20.90 -11.02
CA ALA A 9 6.05 -20.26 -10.18
C ALA A 9 4.61 -20.65 -10.46
N PHE A 10 4.16 -20.51 -11.72
CA PHE A 10 2.77 -20.85 -12.05
C PHE A 10 2.77 -21.80 -13.24
N MET A 11 1.85 -22.73 -13.26
CA MET A 11 1.79 -23.70 -14.31
C MET A 11 0.44 -23.68 -14.93
N ALA A 12 0.21 -24.52 -15.91
CA ALA A 12 -1.12 -24.62 -16.47
C ALA A 12 -1.18 -26.01 -17.03
N ALA A 13 -2.11 -26.82 -16.54
CA ALA A 13 -2.20 -28.22 -16.90
C ALA A 13 -3.56 -28.67 -17.42
N SER A 14 -3.58 -29.35 -18.56
CA SER A 14 -4.80 -29.91 -19.13
C SER A 14 -5.15 -31.16 -18.31
N PRO A 15 -6.43 -31.46 -18.12
CA PRO A 15 -6.60 -32.69 -17.32
C PRO A 15 -5.99 -33.86 -18.05
N GLY A 16 -5.16 -34.60 -17.35
CA GLY A 16 -4.57 -35.79 -17.95
C GLY A 16 -3.12 -35.63 -18.31
N GLU A 17 -2.54 -34.48 -18.00
CA GLU A 17 -1.15 -34.22 -18.36
C GLU A 17 -0.24 -34.76 -17.28
N LYS A 18 1.07 -34.57 -17.42
CA LYS A 18 2.07 -34.98 -16.42
C LYS A 18 2.89 -33.76 -15.94
N VAL A 19 2.67 -33.35 -14.70
CA VAL A 19 3.38 -32.21 -14.14
C VAL A 19 4.63 -32.53 -13.30
N THR A 20 5.62 -31.64 -13.35
CA THR A 20 6.78 -31.78 -12.47
C THR A 20 7.38 -30.46 -12.09
N ILE A 21 7.17 -30.13 -10.83
CA ILE A 21 7.70 -28.93 -10.25
C ILE A 21 8.89 -29.43 -9.48
N THR A 22 10.03 -28.79 -9.73
CA THR A 22 11.30 -29.13 -9.12
C THR A 22 11.50 -28.28 -7.84
N CYS A 23 12.47 -28.59 -6.99
CA CYS A 23 12.77 -27.82 -5.78
C CYS A 23 14.26 -28.06 -5.56
N SER A 24 14.95 -27.08 -4.99
CA SER A 24 16.40 -27.18 -4.96
C SER A 24 17.14 -26.36 -3.89
N VAL A 25 18.00 -27.02 -3.14
CA VAL A 25 18.64 -26.38 -2.00
C VAL A 25 19.79 -25.49 -2.39
N SER A 26 20.28 -24.71 -1.44
CA SER A 26 21.43 -23.86 -1.70
C SER A 26 22.66 -24.64 -1.36
N SER A 27 22.57 -25.52 -0.36
CA SER A 27 23.74 -26.31 0.08
C SER A 27 23.26 -27.74 0.05
N SER A 28 24.10 -28.68 -0.31
CA SER A 28 23.66 -30.07 -0.44
C SER A 28 23.08 -30.70 0.87
N ILE A 29 21.76 -30.78 1.05
CA ILE A 29 21.28 -31.45 2.26
C ILE A 29 20.97 -32.82 1.76
N SER A 30 20.25 -33.60 2.55
CA SER A 30 19.99 -34.98 2.18
C SER A 30 18.53 -35.27 1.88
N SER A 31 18.32 -36.01 0.80
CA SER A 31 17.02 -36.42 0.32
C SER A 31 16.09 -36.51 1.48
N SER A 32 16.41 -37.41 2.41
CA SER A 32 15.53 -37.73 3.53
C SER A 32 15.28 -36.66 4.63
N ASN A 33 15.12 -35.41 4.23
CA ASN A 33 14.73 -34.38 5.14
C ASN A 33 14.13 -33.23 4.39
N LEU A 34 13.61 -33.56 3.20
CA LEU A 34 12.96 -32.61 2.30
C LEU A 34 11.55 -33.12 2.24
N HIS A 35 10.64 -32.42 2.93
CA HIS A 35 9.19 -32.71 2.96
C HIS A 35 8.49 -31.83 1.95
N TRP A 36 7.37 -32.29 1.42
CA TRP A 36 6.62 -31.53 0.42
C TRP A 36 5.22 -31.32 0.88
N TYR A 37 4.77 -30.09 0.95
CA TYR A 37 3.43 -29.76 1.44
C TYR A 37 2.48 -29.30 0.34
N GLN A 38 1.18 -29.55 0.49
CA GLN A 38 0.20 -29.07 -0.51
C GLN A 38 -0.81 -28.22 0.21
N GLN A 39 -1.09 -27.01 -0.28
CA GLN A 39 -2.10 -26.11 0.34
C GLN A 39 -3.16 -25.70 -0.64
N LYS A 40 -4.42 -26.00 -0.34
CA LYS A 40 -5.58 -25.64 -1.18
C LYS A 40 -6.34 -24.41 -0.66
N SER A 41 -6.41 -23.35 -1.47
CA SER A 41 -7.04 -22.07 -1.10
C SER A 41 -8.08 -22.16 0.01
N GLU A 42 -8.06 -21.22 0.95
CA GLU A 42 -9.05 -21.29 2.04
C GLU A 42 -8.70 -22.33 3.16
N THR A 43 -7.53 -22.98 3.09
CA THR A 43 -7.08 -23.89 4.18
C THR A 43 -5.55 -23.89 4.43
N SER A 44 -5.09 -24.82 5.28
CA SER A 44 -3.70 -24.93 5.79
C SER A 44 -2.80 -26.02 5.17
N PRO A 45 -1.49 -25.78 5.13
CA PRO A 45 -0.56 -26.73 4.58
C PRO A 45 -0.83 -28.17 4.96
N LYS A 46 -1.03 -28.98 3.94
CA LYS A 46 -1.42 -30.37 4.02
C LYS A 46 -0.23 -31.27 3.62
N PRO A 47 0.43 -31.85 4.63
CA PRO A 47 1.58 -32.72 4.45
C PRO A 47 1.36 -33.65 3.35
N TRP A 48 2.07 -33.42 2.27
CA TRP A 48 1.93 -34.25 1.12
C TRP A 48 2.99 -35.32 1.05
N ILE A 49 4.24 -34.93 0.94
CA ILE A 49 5.32 -35.91 0.81
C ILE A 49 6.43 -35.82 1.87
N TYR A 50 6.72 -36.95 2.47
CA TYR A 50 7.74 -36.96 3.49
C TYR A 50 8.81 -37.91 3.02
N GLY A 51 10.04 -37.69 3.45
CA GLY A 51 11.15 -38.42 2.85
C GLY A 51 11.35 -37.63 1.57
N THR A 52 11.87 -38.22 0.54
CA THR A 52 11.91 -37.45 -0.68
C THR A 52 10.99 -38.18 -1.62
N SER A 53 10.55 -39.35 -1.19
CA SER A 53 9.74 -40.24 -2.00
C SER A 53 8.58 -40.88 -1.23
N ASN A 54 8.39 -40.53 0.04
CA ASN A 54 7.27 -41.11 0.79
C ASN A 54 6.05 -40.19 0.60
N LEU A 55 4.88 -40.78 0.38
CA LEU A 55 3.61 -40.04 0.27
C LEU A 55 3.00 -40.07 1.67
N ALA A 56 2.21 -39.07 2.01
CA ALA A 56 1.52 -39.10 3.28
C ALA A 56 0.12 -39.77 3.18
N SER A 57 -0.36 -40.22 4.33
CA SER A 57 -1.69 -40.81 4.47
C SER A 57 -2.71 -40.12 3.54
N GLY A 58 -3.03 -40.79 2.44
CA GLY A 58 -4.08 -40.31 1.56
C GLY A 58 -3.62 -39.83 0.22
N VAL A 59 -2.40 -39.31 0.13
CA VAL A 59 -1.92 -38.76 -1.12
C VAL A 59 -2.18 -39.76 -2.26
N PRO A 60 -2.99 -39.39 -3.26
CA PRO A 60 -3.24 -40.35 -4.35
C PRO A 60 -1.91 -40.85 -4.92
N VAL A 61 -1.86 -42.13 -5.33
CA VAL A 61 -0.65 -42.75 -5.90
C VAL A 61 -0.27 -42.47 -7.35
N ARG A 62 -0.86 -41.43 -7.93
CA ARG A 62 -0.50 -40.96 -9.26
C ARG A 62 0.54 -39.89 -9.03
N PHE A 63 0.84 -39.59 -7.78
CA PHE A 63 1.82 -38.57 -7.46
C PHE A 63 3.18 -39.21 -7.28
N SER A 64 4.28 -38.50 -7.60
CA SER A 64 5.66 -39.03 -7.50
C SER A 64 6.75 -38.06 -7.06
N GLY A 65 7.58 -38.45 -6.08
CA GLY A 65 8.63 -37.57 -5.60
C GLY A 65 9.97 -38.23 -5.68
N SER A 66 11.04 -37.48 -5.94
CA SER A 66 12.39 -38.05 -6.09
C SER A 66 13.46 -37.00 -6.19
N GLY A 67 14.67 -37.35 -5.78
CA GLY A 67 15.78 -36.44 -5.91
C GLY A 67 16.93 -36.92 -5.07
N SER A 68 18.04 -36.23 -5.14
CA SER A 68 19.17 -36.60 -4.34
C SER A 68 20.14 -35.51 -4.64
N GLY A 69 20.62 -34.82 -3.61
CA GLY A 69 21.60 -33.77 -3.83
C GLY A 69 20.98 -32.43 -3.62
N THR A 70 21.03 -31.58 -4.64
CA THR A 70 20.40 -30.27 -4.59
C THR A 70 19.02 -30.15 -5.32
N SER A 71 18.71 -31.02 -6.28
CA SER A 71 17.42 -30.97 -7.00
C SER A 71 16.42 -32.10 -6.72
N TYR A 72 15.31 -31.73 -6.06
CA TYR A 72 14.21 -32.64 -5.73
C TYR A 72 13.06 -32.20 -6.55
N SER A 73 12.30 -33.13 -7.09
CA SER A 73 11.14 -32.76 -7.89
C SER A 73 9.89 -33.42 -7.39
N LEU A 74 8.79 -33.05 -7.99
CA LEU A 74 7.51 -33.64 -7.71
C LEU A 74 6.90 -33.84 -9.04
N THR A 75 6.25 -34.97 -9.24
CA THR A 75 5.61 -35.20 -10.51
C THR A 75 4.27 -35.85 -10.33
N ILE A 76 3.28 -35.40 -11.10
CA ILE A 76 1.93 -35.93 -11.08
C ILE A 76 1.68 -36.69 -12.34
N SER A 77 1.40 -37.99 -12.25
CA SER A 77 1.11 -38.82 -13.42
C SER A 77 0.11 -38.13 -14.34
N SER A 78 -1.16 -38.25 -14.02
CA SER A 78 -2.23 -37.70 -14.81
C SER A 78 -2.85 -36.55 -14.05
N MET A 79 -2.44 -35.34 -14.34
CA MET A 79 -3.02 -34.19 -13.66
C MET A 79 -4.52 -34.37 -13.68
N GLU A 80 -5.18 -34.09 -12.55
CA GLU A 80 -6.64 -34.11 -12.44
C GLU A 80 -7.02 -32.83 -11.70
N ALA A 81 -8.29 -32.56 -11.54
CA ALA A 81 -8.69 -31.27 -11.04
C ALA A 81 -8.54 -30.93 -9.58
N GLU A 82 -8.17 -31.88 -8.74
CA GLU A 82 -8.04 -31.60 -7.34
C GLU A 82 -6.57 -31.53 -6.98
N ASP A 83 -5.76 -31.37 -8.01
CA ASP A 83 -4.34 -31.18 -7.79
C ASP A 83 -4.06 -29.72 -7.90
N ALA A 84 -5.11 -28.95 -8.21
CA ALA A 84 -5.01 -27.52 -8.41
C ALA A 84 -4.49 -26.66 -7.25
N ALA A 85 -3.74 -27.24 -6.33
CA ALA A 85 -3.26 -26.47 -5.20
C ALA A 85 -2.03 -25.67 -5.51
N THR A 86 -1.40 -25.20 -4.45
CA THR A 86 -0.12 -24.52 -4.47
C THR A 86 0.69 -25.42 -3.64
N TYR A 87 1.77 -25.96 -4.19
CA TYR A 87 2.64 -26.87 -3.46
C TYR A 87 3.85 -26.11 -2.97
N TYR A 88 4.45 -26.55 -1.86
CA TYR A 88 5.66 -25.91 -1.29
C TYR A 88 6.62 -26.99 -0.74
N CYS A 89 7.93 -26.78 -0.84
CA CYS A 89 8.91 -27.71 -0.25
C CYS A 89 9.48 -27.23 1.06
N GLN A 90 10.09 -28.14 1.81
CA GLN A 90 10.63 -27.72 3.08
C GLN A 90 11.82 -28.51 3.59
N GLN A 91 12.70 -27.77 4.24
CA GLN A 91 13.98 -28.25 4.73
C GLN A 91 14.02 -28.40 6.25
N TRP A 92 14.08 -29.64 6.78
CA TRP A 92 14.23 -29.92 8.24
C TRP A 92 15.58 -30.51 8.56
N ASN A 93 16.62 -30.14 7.78
CA ASN A 93 18.02 -30.62 7.94
C ASN A 93 18.74 -29.88 9.08
N SER A 94 19.03 -28.60 8.89
CA SER A 94 19.65 -27.76 9.93
C SER A 94 18.77 -26.55 10.13
N TYR A 95 18.70 -26.10 11.37
CA TYR A 95 17.99 -24.86 11.65
C TYR A 95 18.77 -23.77 10.89
N PRO A 96 18.06 -22.82 10.33
CA PRO A 96 16.62 -22.75 10.40
C PRO A 96 16.01 -23.59 9.27
N TYR A 97 14.77 -24.06 9.51
CA TYR A 97 14.02 -24.85 8.53
C TYR A 97 13.44 -23.85 7.59
N THR A 98 13.76 -23.92 6.31
CA THR A 98 13.26 -22.95 5.35
C THR A 98 12.35 -23.60 4.33
N PHE A 99 11.61 -22.81 3.57
CA PHE A 99 10.64 -23.34 2.62
C PHE A 99 10.73 -22.69 1.26
N GLY A 100 10.12 -23.36 0.30
CA GLY A 100 10.17 -22.89 -1.06
C GLY A 100 9.22 -21.74 -1.27
N GLY A 101 9.35 -21.07 -2.41
CA GLY A 101 8.43 -20.00 -2.71
C GLY A 101 7.10 -20.62 -3.00
N GLY A 102 7.06 -21.93 -3.23
CA GLY A 102 5.81 -22.64 -3.49
C GLY A 102 5.32 -22.51 -4.89
N THR A 103 5.18 -23.61 -5.63
CA THR A 103 4.68 -23.59 -7.01
C THR A 103 3.15 -23.65 -7.04
N LYS A 104 2.52 -22.80 -7.87
CA LYS A 104 1.06 -22.81 -7.98
C LYS A 104 0.61 -23.49 -9.26
N LEU A 105 -0.14 -24.56 -9.13
CA LEU A 105 -0.67 -25.26 -10.29
C LEU A 105 -2.06 -24.75 -10.48
N GLU A 106 -2.62 -25.03 -11.63
CA GLU A 106 -3.97 -24.67 -11.86
C GLU A 106 -4.43 -25.47 -13.03
N ILE A 107 -5.71 -25.73 -13.11
CA ILE A 107 -6.20 -26.66 -14.08
C ILE A 107 -6.88 -26.06 -15.28
N LYS A 108 -6.31 -26.37 -16.45
CA LYS A 108 -6.74 -25.87 -17.76
C LYS A 108 -8.15 -26.26 -18.30
N ARG A 109 -8.86 -25.25 -18.79
CA ARG A 109 -10.22 -25.39 -19.31
C ARG A 109 -10.46 -24.64 -20.63
N ALA A 110 -11.68 -24.83 -21.13
CA ALA A 110 -12.16 -24.18 -22.36
C ALA A 110 -12.69 -22.78 -22.02
N ASP A 111 -12.30 -21.80 -22.81
CA ASP A 111 -12.70 -20.42 -22.57
C ASP A 111 -14.19 -20.36 -22.32
N ALA A 112 -14.62 -19.50 -21.41
CA ALA A 112 -16.05 -19.40 -21.15
C ALA A 112 -16.48 -18.07 -20.61
N ALA A 113 -17.47 -17.54 -21.31
CA ALA A 113 -18.06 -16.25 -21.02
C ALA A 113 -18.78 -16.33 -19.69
N PRO A 114 -18.58 -15.30 -18.83
CA PRO A 114 -19.11 -15.07 -17.49
C PRO A 114 -20.58 -14.74 -17.47
N THR A 115 -21.17 -14.75 -16.27
CA THR A 115 -22.59 -14.43 -16.06
C THR A 115 -22.65 -13.12 -15.24
N VAL A 116 -22.58 -11.99 -15.93
CA VAL A 116 -22.54 -10.66 -15.31
C VAL A 116 -23.82 -10.46 -14.56
N SER A 117 -23.77 -9.60 -13.55
CA SER A 117 -24.90 -9.31 -12.68
C SER A 117 -24.70 -7.94 -12.00
N ILE A 118 -25.76 -7.15 -11.87
CA ILE A 118 -25.59 -5.83 -11.30
C ILE A 118 -26.74 -5.48 -10.43
N PHE A 119 -26.61 -5.73 -9.14
CA PHE A 119 -27.66 -5.44 -8.16
C PHE A 119 -27.44 -3.98 -7.77
N PRO A 120 -28.51 -3.15 -7.67
CA PRO A 120 -28.29 -1.75 -7.27
C PRO A 120 -28.23 -1.72 -5.75
N PRO A 121 -27.99 -0.56 -5.15
CA PRO A 121 -27.89 -0.35 -3.71
C PRO A 121 -28.99 -1.08 -2.96
N SER A 122 -28.85 -1.22 -1.65
CA SER A 122 -29.80 -2.00 -0.84
C SER A 122 -30.60 -1.09 0.06
N SER A 123 -31.92 -1.26 0.08
CA SER A 123 -32.84 -0.48 0.90
C SER A 123 -32.15 -0.04 2.16
N GLU A 124 -31.78 -1.03 2.96
CA GLU A 124 -31.08 -0.81 4.20
C GLU A 124 -30.07 0.29 4.05
N GLN A 125 -29.01 0.00 3.33
CA GLN A 125 -27.85 0.87 3.29
C GLN A 125 -28.06 2.30 2.98
N LEU A 126 -28.79 2.59 1.91
CA LEU A 126 -29.01 3.98 1.40
C LEU A 126 -29.37 4.92 2.51
N THR A 127 -30.42 4.55 3.24
CA THR A 127 -30.94 5.35 4.33
C THR A 127 -30.17 5.15 5.63
N SER A 128 -28.92 4.73 5.47
CA SER A 128 -27.98 4.66 6.55
C SER A 128 -27.02 5.82 6.23
N GLY A 129 -26.65 5.93 4.96
CA GLY A 129 -25.71 6.94 4.48
C GLY A 129 -25.30 6.67 3.04
N GLY A 130 -24.06 6.24 2.85
CA GLY A 130 -23.53 5.94 1.52
C GLY A 130 -24.20 4.81 0.74
N ALA A 131 -23.87 4.65 -0.52
CA ALA A 131 -24.59 3.67 -1.34
C ALA A 131 -23.84 3.20 -2.56
N SER A 132 -23.70 1.88 -2.72
CA SER A 132 -22.87 1.24 -3.76
C SER A 132 -23.49 0.20 -4.74
N VAL A 133 -23.42 0.50 -6.04
CA VAL A 133 -23.91 -0.34 -7.13
C VAL A 133 -23.02 -1.57 -7.37
N VAL A 134 -23.40 -2.71 -6.84
CA VAL A 134 -22.55 -3.89 -6.85
C VAL A 134 -22.72 -4.84 -8.00
N CYS A 135 -21.68 -4.98 -8.81
CA CYS A 135 -21.76 -5.89 -9.94
C CYS A 135 -20.94 -7.17 -9.85
N PHE A 136 -21.61 -8.30 -9.75
CA PHE A 136 -20.94 -9.57 -9.73
C PHE A 136 -20.66 -9.98 -11.18
N LEU A 137 -19.75 -10.93 -11.41
CA LEU A 137 -19.35 -11.35 -12.75
C LEU A 137 -18.89 -12.79 -12.63
N ASN A 138 -19.79 -13.74 -12.80
CA ASN A 138 -19.47 -15.10 -12.42
C ASN A 138 -19.14 -16.12 -13.49
N ASN A 139 -18.20 -17.00 -13.13
CA ASN A 139 -17.89 -18.22 -13.87
C ASN A 139 -17.13 -18.08 -15.12
N PHE A 140 -16.31 -17.05 -15.21
CA PHE A 140 -15.54 -16.85 -16.44
C PHE A 140 -14.30 -17.67 -16.43
N TYR A 141 -13.69 -17.80 -17.60
CA TYR A 141 -12.41 -18.47 -17.75
C TYR A 141 -11.76 -17.97 -19.05
N PRO A 142 -10.44 -17.56 -19.04
CA PRO A 142 -9.41 -17.53 -17.97
C PRO A 142 -9.57 -16.31 -17.06
N LYS A 143 -8.60 -16.06 -16.19
CA LYS A 143 -8.64 -14.91 -15.26
C LYS A 143 -7.97 -13.65 -15.82
N ASP A 144 -7.51 -13.70 -17.07
CA ASP A 144 -6.90 -12.52 -17.73
C ASP A 144 -8.02 -11.60 -18.17
N ILE A 145 -8.72 -11.00 -17.19
CA ILE A 145 -9.88 -10.12 -17.45
C ILE A 145 -9.74 -8.69 -16.87
N ASN A 146 -10.51 -7.75 -17.43
CA ASN A 146 -10.56 -6.35 -16.99
C ASN A 146 -12.01 -5.85 -17.07
N VAL A 147 -12.33 -4.87 -16.24
CA VAL A 147 -13.66 -4.30 -16.21
C VAL A 147 -13.74 -2.82 -15.74
N LYS A 148 -14.80 -2.13 -16.21
CA LYS A 148 -15.11 -0.69 -15.94
C LYS A 148 -16.60 -0.46 -15.70
N TRP A 149 -16.88 0.55 -14.90
CA TRP A 149 -18.22 0.95 -14.52
C TRP A 149 -18.42 2.32 -15.10
N LYS A 150 -19.25 2.44 -16.10
CA LYS A 150 -19.50 3.76 -16.67
C LYS A 150 -20.96 4.06 -16.35
N ILE A 151 -21.22 5.25 -15.81
CA ILE A 151 -22.57 5.75 -15.53
C ILE A 151 -22.70 6.95 -16.45
N ASP A 152 -23.64 6.85 -17.39
CA ASP A 152 -23.82 7.88 -18.40
C ASP A 152 -22.44 8.11 -19.01
N GLY A 153 -22.03 7.22 -19.91
CA GLY A 153 -20.83 7.44 -20.69
C GLY A 153 -19.52 7.53 -19.91
N SER A 154 -19.32 8.67 -19.24
CA SER A 154 -18.05 8.95 -18.57
C SER A 154 -17.90 7.80 -17.62
N GLU A 155 -17.02 6.88 -18.00
CA GLU A 155 -16.66 5.84 -17.06
C GLU A 155 -16.31 6.62 -15.75
N ARG A 156 -16.92 6.22 -14.62
CA ARG A 156 -16.67 6.93 -13.37
C ARG A 156 -16.10 5.90 -12.42
N GLN A 157 -14.76 5.78 -12.49
CA GLN A 157 -13.96 4.81 -11.72
C GLN A 157 -13.40 5.31 -10.36
N ASN A 158 -14.25 5.61 -9.38
CA ASN A 158 -13.66 6.10 -8.16
C ASN A 158 -14.27 5.57 -6.92
N GLY A 159 -13.93 4.31 -6.67
CA GLY A 159 -14.39 3.59 -5.49
C GLY A 159 -14.40 2.12 -5.86
N VAL A 160 -14.39 1.86 -7.17
CA VAL A 160 -14.30 0.50 -7.76
C VAL A 160 -13.33 -0.41 -7.01
N LEU A 161 -13.87 -1.32 -6.20
CA LEU A 161 -13.09 -2.32 -5.48
C LEU A 161 -13.29 -3.72 -6.07
N ASN A 162 -12.41 -4.07 -7.03
CA ASN A 162 -12.43 -5.37 -7.75
C ASN A 162 -11.83 -6.50 -6.89
N SER A 163 -12.60 -7.56 -6.62
CA SER A 163 -12.18 -8.66 -5.76
C SER A 163 -12.43 -9.89 -6.57
N TRP A 164 -11.51 -10.84 -6.53
CA TRP A 164 -11.53 -12.07 -7.35
C TRP A 164 -11.77 -13.36 -6.54
N THR A 165 -11.74 -14.49 -7.25
CA THR A 165 -11.88 -15.81 -6.64
C THR A 165 -10.83 -16.80 -7.16
N ASP A 166 -10.40 -17.72 -6.33
CA ASP A 166 -9.48 -18.73 -6.80
C ASP A 166 -10.38 -19.78 -7.47
N GLN A 167 -9.85 -20.59 -8.36
CA GLN A 167 -10.61 -21.61 -9.11
C GLN A 167 -11.76 -22.32 -8.40
N ASP A 168 -12.78 -22.65 -9.19
CA ASP A 168 -13.87 -23.46 -8.64
C ASP A 168 -13.30 -24.87 -8.52
N SER A 169 -14.13 -25.79 -8.03
CA SER A 169 -13.74 -27.16 -7.82
C SER A 169 -14.69 -28.06 -8.58
N LYS A 170 -15.90 -27.57 -8.75
CA LYS A 170 -16.92 -28.28 -9.51
C LYS A 170 -16.63 -28.03 -10.99
N ASP A 171 -16.82 -26.77 -11.35
CA ASP A 171 -16.64 -26.26 -12.71
C ASP A 171 -15.19 -25.84 -13.05
N SER A 172 -14.48 -25.25 -12.09
CA SER A 172 -13.14 -24.72 -12.31
C SER A 172 -13.04 -23.44 -13.14
N THR A 173 -13.76 -22.42 -12.68
CA THR A 173 -13.68 -21.11 -13.27
C THR A 173 -13.58 -20.06 -12.20
N TYR A 174 -13.09 -18.93 -12.63
CA TYR A 174 -12.98 -17.82 -11.77
C TYR A 174 -14.32 -17.09 -11.78
N SER A 175 -14.44 -16.11 -10.89
CA SER A 175 -15.65 -15.33 -10.66
C SER A 175 -15.15 -14.10 -9.90
N MET A 176 -15.71 -12.94 -10.17
CA MET A 176 -15.24 -11.76 -9.45
C MET A 176 -16.33 -10.74 -9.17
N SER A 177 -16.02 -9.87 -8.22
CA SER A 177 -16.91 -8.82 -7.80
C SER A 177 -16.15 -7.52 -7.93
N SER A 178 -16.89 -6.42 -7.94
CA SER A 178 -16.30 -5.12 -7.95
C SER A 178 -17.36 -4.19 -7.41
N THR A 179 -16.98 -3.23 -6.59
CA THR A 179 -17.93 -2.35 -5.98
C THR A 179 -17.63 -0.89 -6.22
N LEU A 180 -18.62 -0.20 -6.79
CA LEU A 180 -18.57 1.24 -7.01
C LEU A 180 -19.27 1.73 -5.77
N THR A 181 -18.68 2.70 -5.08
CA THR A 181 -19.18 3.11 -3.81
C THR A 181 -19.23 4.60 -3.76
N LEU A 182 -20.44 5.11 -3.58
CA LEU A 182 -20.69 6.53 -3.65
C LEU A 182 -21.50 7.09 -2.48
N THR A 183 -21.22 8.37 -2.30
CA THR A 183 -21.84 9.26 -1.35
C THR A 183 -23.21 9.46 -2.03
N LYS A 184 -24.32 9.41 -1.30
CA LYS A 184 -25.64 9.41 -1.97
C LYS A 184 -25.95 10.59 -2.88
N ASP A 185 -25.39 11.77 -2.58
CA ASP A 185 -25.55 12.93 -3.46
C ASP A 185 -25.08 12.68 -4.90
N GLU A 186 -24.05 11.84 -5.02
CA GLU A 186 -23.55 11.46 -6.33
C GLU A 186 -24.52 10.40 -6.92
N TYR A 187 -25.29 9.74 -6.03
CA TYR A 187 -26.24 8.69 -6.44
C TYR A 187 -27.52 9.17 -7.15
N GLU A 188 -28.37 9.95 -6.48
CA GLU A 188 -29.56 10.44 -7.20
C GLU A 188 -29.04 11.12 -8.49
N ARG A 189 -27.90 11.79 -8.36
CA ARG A 189 -27.22 12.53 -9.44
C ARG A 189 -27.05 11.84 -10.84
N HIS A 190 -27.46 10.58 -11.00
CA HIS A 190 -27.35 9.95 -12.32
C HIS A 190 -28.39 8.82 -12.53
N ASN A 191 -28.45 8.22 -13.73
CA ASN A 191 -29.37 7.10 -13.99
C ASN A 191 -28.76 5.86 -14.68
N SER A 192 -28.27 6.06 -15.91
CA SER A 192 -27.65 4.96 -16.62
C SER A 192 -26.50 4.42 -15.83
N TYR A 193 -26.77 3.34 -15.14
CA TYR A 193 -25.78 2.70 -14.37
C TYR A 193 -25.51 1.35 -15.04
N THR A 194 -24.37 1.30 -15.76
CA THR A 194 -23.94 0.11 -16.49
C THR A 194 -22.59 -0.49 -16.07
N CYS A 195 -22.51 -1.82 -16.17
CA CYS A 195 -21.35 -2.66 -15.82
C CYS A 195 -20.73 -3.37 -17.10
N GLU A 196 -20.03 -2.66 -18.00
CA GLU A 196 -19.53 -3.38 -19.22
C GLU A 196 -18.34 -4.26 -18.88
N ALA A 197 -18.33 -5.50 -19.38
CA ALA A 197 -17.29 -6.48 -19.00
C ALA A 197 -16.55 -7.00 -20.21
N THR A 198 -15.22 -6.84 -20.25
CA THR A 198 -14.49 -7.33 -21.43
C THR A 198 -13.44 -8.38 -21.15
N HIS A 199 -13.64 -9.47 -21.84
CA HIS A 199 -12.92 -10.69 -21.64
C HIS A 199 -12.83 -11.44 -22.94
N LYS A 200 -11.61 -11.85 -23.30
CA LYS A 200 -11.32 -12.62 -24.49
C LYS A 200 -12.42 -13.28 -25.30
N THR A 201 -13.53 -13.67 -24.65
CA THR A 201 -14.61 -14.47 -25.26
C THR A 201 -15.88 -13.91 -25.95
N SER A 202 -15.80 -12.76 -26.60
CA SER A 202 -17.02 -12.14 -27.18
C SER A 202 -16.55 -10.72 -27.43
N THR A 203 -16.08 -10.45 -28.64
CA THR A 203 -15.57 -9.12 -28.97
C THR A 203 -16.61 -7.98 -28.84
N SER A 204 -17.86 -8.38 -28.59
CA SER A 204 -19.02 -7.49 -28.31
C SER A 204 -19.22 -7.64 -26.79
N PRO A 205 -18.58 -6.79 -25.97
CA PRO A 205 -18.65 -6.78 -24.50
C PRO A 205 -19.97 -7.28 -23.84
N ILE A 206 -19.97 -7.37 -22.51
CA ILE A 206 -21.19 -7.70 -21.80
C ILE A 206 -21.57 -6.47 -21.00
N VAL A 207 -22.86 -6.11 -20.93
CA VAL A 207 -23.23 -4.86 -20.24
C VAL A 207 -24.51 -4.77 -19.36
N LYS A 208 -24.77 -5.72 -18.45
CA LYS A 208 -25.99 -5.63 -17.61
C LYS A 208 -26.00 -4.30 -16.91
N SER A 209 -27.16 -3.65 -16.93
CA SER A 209 -27.29 -2.28 -16.41
C SER A 209 -28.65 -1.94 -15.88
N PHE A 210 -28.72 -0.91 -15.06
CA PHE A 210 -29.99 -0.60 -14.47
C PHE A 210 -30.24 0.86 -14.55
N ASN A 211 -31.44 1.26 -15.03
CA ASN A 211 -31.87 2.66 -15.04
C ASN A 211 -32.58 3.05 -13.75
N ARG A 212 -33.77 2.46 -13.55
CA ARG A 212 -34.59 2.63 -12.32
C ARG A 212 -35.75 1.60 -12.23
N ASN A 213 -35.72 0.76 -11.18
CA ASN A 213 -36.79 -0.20 -10.90
C ASN A 213 -37.33 0.19 -9.53
N GLU A 214 -36.42 0.77 -8.75
CA GLU A 214 -36.76 1.25 -7.43
C GLU A 214 -37.69 2.50 -7.47
N CYS A 215 -37.09 3.65 -7.76
CA CYS A 215 -37.84 4.91 -7.70
C CYS A 215 -38.36 5.41 -9.08
N GLU B 1 -2.06 -40.80 13.47
CA GLU B 1 -3.23 -40.39 14.33
C GLU B 1 -2.94 -39.08 15.09
N VAL B 2 -3.92 -38.16 15.19
CA VAL B 2 -3.76 -36.83 15.80
C VAL B 2 -5.03 -35.99 15.84
N LYS B 3 -4.95 -34.91 16.63
CA LYS B 3 -6.00 -33.89 16.88
C LYS B 3 -5.26 -32.69 17.56
N LEU B 4 -4.92 -31.65 16.80
CA LEU B 4 -4.26 -30.46 17.31
C LEU B 4 -5.20 -29.25 17.17
N GLN B 5 -5.57 -28.63 18.27
CA GLN B 5 -6.47 -27.49 18.19
C GLN B 5 -5.79 -26.30 18.85
N GLU B 6 -5.54 -25.24 18.10
CA GLU B 6 -4.88 -24.08 18.66
C GLU B 6 -5.88 -22.97 18.95
N SER B 7 -5.71 -22.33 20.10
CA SER B 7 -6.60 -21.26 20.53
C SER B 7 -5.82 -19.97 20.75
N GLY B 8 -6.55 -18.86 20.91
CA GLY B 8 -5.91 -17.67 21.39
C GLY B 8 -5.69 -16.53 20.46
N GLY B 9 -5.96 -16.74 19.18
CA GLY B 9 -5.71 -15.69 18.19
C GLY B 9 -6.47 -14.39 18.41
N GLY B 10 -6.23 -13.36 17.61
CA GLY B 10 -6.94 -12.13 17.82
C GLY B 10 -6.25 -11.00 17.13
N LEU B 11 -6.16 -9.89 17.82
CA LEU B 11 -5.59 -8.66 17.27
C LEU B 11 -5.12 -7.79 18.48
N VAL B 12 -3.95 -7.14 18.34
CA VAL B 12 -3.34 -6.44 19.46
C VAL B 12 -2.79 -5.14 18.95
N GLN B 13 -2.92 -4.08 19.76
CA GLN B 13 -2.31 -2.79 19.40
C GLN B 13 -0.87 -3.25 19.27
N PRO B 14 -0.06 -2.64 18.40
CA PRO B 14 1.32 -3.14 18.29
C PRO B 14 1.97 -3.03 19.67
N GLY B 15 2.97 -3.86 19.95
CA GLY B 15 3.63 -3.85 21.24
C GLY B 15 2.95 -4.83 22.17
N GLY B 16 1.72 -5.17 21.81
CA GLY B 16 0.91 -6.05 22.64
C GLY B 16 1.49 -7.44 22.78
N SER B 17 1.09 -8.14 23.84
CA SER B 17 1.55 -9.50 24.12
C SER B 17 0.43 -10.43 23.80
N MET B 18 0.74 -11.73 23.68
CA MET B 18 -0.24 -12.81 23.37
C MET B 18 0.17 -14.17 23.98
N LYS B 19 -0.62 -15.22 23.72
CA LYS B 19 -0.25 -16.58 24.13
C LYS B 19 -1.04 -17.62 23.37
N LEU B 20 -0.59 -17.89 22.14
CA LEU B 20 -1.19 -18.91 21.29
C LEU B 20 -1.10 -20.15 22.08
N SER B 21 -1.87 -21.13 21.67
CA SER B 21 -1.83 -22.36 22.38
C SER B 21 -2.18 -23.35 21.33
N CYS B 22 -2.19 -24.62 21.75
CA CYS B 22 -2.69 -25.81 21.02
C CYS B 22 -2.41 -26.94 21.97
N VAL B 23 -3.35 -27.86 22.03
CA VAL B 23 -3.26 -28.98 22.95
C VAL B 23 -3.22 -30.27 22.12
N ALA B 24 -2.32 -31.19 22.48
CA ALA B 24 -2.12 -32.43 21.76
C ALA B 24 -3.11 -33.47 22.20
N SER B 25 -3.63 -34.26 21.24
CA SER B 25 -4.51 -35.38 21.58
C SER B 25 -3.96 -36.60 20.85
N GLY B 26 -4.26 -37.80 21.35
CA GLY B 26 -3.70 -39.00 20.74
C GLY B 26 -2.26 -39.21 21.23
N PHE B 27 -1.38 -38.23 21.00
CA PHE B 27 -0.01 -38.34 21.48
C PHE B 27 0.14 -38.64 22.94
N THR B 28 1.14 -39.44 23.20
CA THR B 28 1.93 -39.48 24.44
C THR B 28 3.06 -40.18 23.73
N PHE B 29 3.75 -39.38 22.92
CA PHE B 29 4.74 -39.99 22.09
C PHE B 29 6.03 -39.68 22.65
N ASN B 30 6.31 -40.58 23.57
CA ASN B 30 7.51 -40.63 24.36
C ASN B 30 8.39 -39.43 23.89
N ASN B 31 8.84 -39.48 22.61
CA ASN B 31 9.78 -38.51 22.02
C ASN B 31 9.31 -37.87 20.70
N TYR B 32 9.06 -36.55 20.72
CA TYR B 32 8.56 -35.72 19.57
C TYR B 32 9.42 -34.41 19.41
N TRP B 33 8.84 -33.43 18.72
CA TRP B 33 9.37 -32.08 18.68
C TRP B 33 8.13 -31.29 18.26
N MET B 34 8.08 -30.01 18.58
CA MET B 34 6.91 -29.27 18.18
C MET B 34 7.42 -27.91 17.87
N SER B 35 6.65 -27.17 17.08
CA SER B 35 7.13 -25.90 16.60
C SER B 35 5.98 -25.10 16.02
N TRP B 36 6.17 -23.79 15.88
CA TRP B 36 5.19 -22.91 15.29
C TRP B 36 5.73 -22.37 13.99
N VAL B 37 4.94 -22.56 12.94
CA VAL B 37 5.16 -22.05 11.58
C VAL B 37 4.07 -20.99 11.37
N ARG B 38 4.34 -19.98 10.56
CA ARG B 38 3.37 -18.88 10.36
C ARG B 38 3.30 -18.47 8.89
N GLN B 39 2.14 -18.03 8.46
CA GLN B 39 1.98 -17.64 7.06
C GLN B 39 1.16 -16.39 6.88
N SER B 40 1.74 -15.34 6.28
CA SER B 40 1.01 -14.12 5.89
C SER B 40 1.33 -13.91 4.41
N PRO B 41 0.48 -13.18 3.66
CA PRO B 41 0.76 -12.98 2.23
C PRO B 41 2.14 -12.38 1.91
N GLU B 42 2.58 -11.46 2.79
CA GLU B 42 3.89 -10.81 2.59
C GLU B 42 5.04 -11.86 2.47
N LYS B 43 5.06 -12.85 3.39
CA LYS B 43 6.16 -13.83 3.51
C LYS B 43 5.90 -15.29 3.16
N GLY B 44 4.67 -15.68 2.89
CA GLY B 44 4.48 -17.08 2.63
C GLY B 44 4.79 -17.68 3.98
N LEU B 45 5.14 -18.96 4.02
CA LEU B 45 5.42 -19.72 5.26
C LEU B 45 6.82 -19.51 5.88
N GLU B 46 6.89 -19.47 7.21
CA GLU B 46 8.18 -19.36 7.89
C GLU B 46 8.25 -20.08 9.21
N TRP B 47 9.21 -20.99 9.37
CA TRP B 47 9.40 -21.63 10.66
C TRP B 47 9.76 -20.52 11.62
N VAL B 48 8.88 -20.27 12.61
CA VAL B 48 9.14 -19.29 13.65
C VAL B 48 9.92 -19.89 14.82
N ALA B 49 9.30 -20.77 15.62
CA ALA B 49 9.99 -21.34 16.78
C ALA B 49 9.98 -22.84 16.77
N GLU B 50 10.31 -23.44 17.92
CA GLU B 50 10.40 -24.90 18.13
C GLU B 50 10.99 -25.29 19.48
N ILE B 51 10.21 -25.91 20.34
CA ILE B 51 10.78 -26.45 21.56
C ILE B 51 11.21 -27.83 21.06
N ARG B 52 11.84 -28.64 21.91
CA ARG B 52 12.32 -29.98 21.45
C ARG B 52 12.45 -31.10 22.54
N LEU B 53 11.73 -32.20 22.36
CA LEU B 53 11.77 -33.21 23.40
C LEU B 53 12.45 -34.56 23.18
N ASN B 54 13.31 -34.73 22.19
CA ASN B 54 14.16 -35.95 22.19
C ASN B 54 14.29 -36.72 23.57
N SER B 55 14.21 -36.02 24.71
CA SER B 55 14.12 -36.61 26.08
C SER B 55 14.75 -35.60 27.11
N ASP B 56 15.66 -34.75 26.63
CA ASP B 56 16.15 -33.64 27.42
C ASP B 56 14.88 -32.79 27.54
N ASN B 57 14.57 -32.38 28.78
CA ASN B 57 13.36 -31.57 29.07
C ASN B 57 13.01 -30.57 27.98
N PHE B 58 13.81 -29.51 27.94
CA PHE B 58 13.61 -28.38 27.05
C PHE B 58 14.93 -28.09 26.33
N ALA B 59 14.82 -27.87 25.02
CA ALA B 59 15.88 -27.23 24.21
C ALA B 59 15.03 -26.49 23.20
N THR B 60 15.38 -25.24 23.00
CA THR B 60 14.58 -24.41 22.14
C THR B 60 15.53 -23.92 21.07
N HIS B 61 14.97 -23.33 20.01
CA HIS B 61 15.74 -22.73 18.90
C HIS B 61 14.83 -21.74 18.17
N TYR B 62 15.26 -20.50 17.92
CA TYR B 62 14.43 -19.50 17.24
C TYR B 62 15.14 -18.99 15.95
N ALA B 63 14.79 -17.82 15.43
CA ALA B 63 15.43 -17.40 14.18
C ALA B 63 15.68 -15.89 13.95
N GLU B 64 16.42 -15.58 12.90
CA GLU B 64 16.67 -14.20 12.49
C GLU B 64 15.79 -13.09 13.10
N SER B 65 14.47 -13.24 13.00
CA SER B 65 13.58 -12.21 13.52
C SER B 65 12.38 -12.75 14.25
N VAL B 66 12.63 -13.33 15.42
CA VAL B 66 11.61 -13.82 16.34
C VAL B 66 12.21 -13.93 17.72
N LYS B 67 13.47 -14.33 17.80
CA LYS B 67 14.12 -14.45 19.11
C LYS B 67 14.02 -13.10 19.84
N GLY B 68 14.17 -13.13 21.16
CA GLY B 68 14.05 -11.89 21.91
C GLY B 68 12.56 -11.67 22.08
N LYS B 69 11.82 -11.95 21.01
CA LYS B 69 10.42 -11.67 20.95
C LYS B 69 9.49 -12.74 21.44
N PHE B 70 9.68 -14.01 21.12
CA PHE B 70 8.71 -14.99 21.62
C PHE B 70 9.46 -16.12 22.31
N ILE B 71 8.76 -16.91 23.11
CA ILE B 71 9.37 -18.08 23.74
C ILE B 71 8.46 -19.31 23.74
N ILE B 72 8.91 -20.37 23.12
CA ILE B 72 8.13 -21.58 23.06
C ILE B 72 8.20 -22.11 24.46
N SER B 73 7.15 -22.85 24.87
CA SER B 73 7.09 -23.53 26.18
C SER B 73 5.94 -24.52 26.03
N ARG B 74 5.99 -25.66 26.74
CA ARG B 74 4.94 -26.70 26.69
C ARG B 74 5.18 -27.74 27.73
N ASP B 75 4.18 -28.06 28.52
CA ASP B 75 4.44 -29.20 29.34
C ASP B 75 3.51 -30.38 29.14
N ASP B 76 4.13 -31.53 28.91
CA ASP B 76 3.39 -32.74 28.64
C ASP B 76 2.35 -32.91 29.74
N SER B 77 2.73 -32.68 31.00
CA SER B 77 1.77 -32.89 32.09
C SER B 77 0.45 -32.15 31.77
N LYS B 78 0.64 -30.97 31.18
CA LYS B 78 -0.43 -30.03 30.80
C LYS B 78 -1.10 -30.34 29.48
N SER B 79 -0.35 -31.09 28.67
CA SER B 79 -0.79 -31.59 27.39
C SER B 79 -0.72 -30.52 26.34
N ARG B 80 -0.36 -29.31 26.76
CA ARG B 80 -0.48 -28.14 25.91
C ARG B 80 0.87 -27.66 25.46
N LEU B 81 0.90 -26.76 24.47
CA LEU B 81 2.10 -26.17 23.92
C LEU B 81 1.86 -24.68 23.76
N TYR B 82 2.37 -23.88 24.69
CA TYR B 82 2.14 -22.41 24.76
C TYR B 82 3.14 -21.58 23.99
N LEU B 83 2.70 -20.50 23.33
CA LEU B 83 3.66 -19.63 22.61
C LEU B 83 3.45 -18.11 22.74
N GLN B 84 4.09 -17.55 23.76
CA GLN B 84 3.97 -16.14 24.10
C GLN B 84 4.87 -15.29 23.28
N MET B 85 4.25 -14.32 22.63
CA MET B 85 4.97 -13.39 21.77
C MET B 85 4.90 -12.00 22.34
N ASN B 86 6.04 -11.35 22.53
CA ASN B 86 6.10 -9.99 23.03
C ASN B 86 6.78 -9.01 22.07
N SER B 87 6.40 -7.73 22.24
CA SER B 87 6.94 -6.61 21.49
C SER B 87 6.54 -6.69 20.04
N LEU B 88 5.37 -7.25 19.74
CA LEU B 88 4.89 -7.49 18.37
C LEU B 88 4.88 -6.34 17.39
N ARG B 89 5.01 -6.63 16.11
CA ARG B 89 4.97 -5.56 15.12
C ARG B 89 4.13 -5.97 13.97
N ALA B 90 4.00 -5.06 13.00
CA ALA B 90 3.22 -5.32 11.76
C ALA B 90 3.68 -6.62 11.17
N GLU B 91 4.94 -6.63 10.76
CA GLU B 91 5.56 -7.83 10.23
C GLU B 91 4.97 -9.19 10.76
N ASP B 92 4.78 -9.31 12.07
CA ASP B 92 4.38 -10.59 12.67
C ASP B 92 2.95 -11.08 12.47
N THR B 93 2.14 -10.29 11.77
CA THR B 93 0.73 -10.62 11.53
C THR B 93 0.64 -11.86 10.64
N GLY B 94 -0.20 -12.82 10.97
CA GLY B 94 -0.32 -13.96 10.09
C GLY B 94 -1.10 -15.04 10.77
N ILE B 95 -1.08 -16.22 10.17
CA ILE B 95 -1.74 -17.38 10.75
C ILE B 95 -0.69 -18.31 11.35
N TYR B 96 -0.84 -18.68 12.61
CA TYR B 96 0.14 -19.54 13.22
C TYR B 96 -0.28 -20.96 13.22
N TYR B 97 0.48 -21.79 12.53
CA TYR B 97 0.22 -23.21 12.45
C TYR B 97 0.99 -23.89 13.54
N CYS B 98 0.43 -24.92 14.11
CA CYS B 98 1.04 -25.59 15.26
C CYS B 98 1.20 -27.01 14.77
N VAL B 99 2.46 -27.40 14.55
CA VAL B 99 2.78 -28.70 13.95
C VAL B 99 3.71 -29.48 14.82
N LEU B 100 3.34 -30.72 15.10
CA LEU B 100 4.15 -31.58 15.92
C LEU B 100 4.53 -32.84 15.16
N ARG B 101 5.80 -33.23 15.23
CA ARG B 101 6.27 -34.43 14.57
C ARG B 101 6.97 -35.25 15.59
N PRO B 102 6.81 -36.57 15.51
CA PRO B 102 7.46 -37.47 16.44
C PRO B 102 8.70 -38.06 15.78
N LEU B 103 9.69 -38.35 16.63
CA LEU B 103 10.97 -38.88 16.18
C LEU B 103 11.05 -40.42 16.07
N PHE B 104 10.02 -40.99 15.43
CA PHE B 104 9.99 -42.39 15.04
C PHE B 104 11.07 -42.39 14.00
N TYR B 105 11.49 -43.53 13.52
CA TYR B 105 12.47 -43.39 12.46
C TYR B 105 11.77 -42.68 11.38
N TYR B 106 10.67 -43.27 10.92
CA TYR B 106 9.85 -42.60 9.93
C TYR B 106 8.36 -42.65 10.05
N ALA B 107 7.83 -41.48 9.69
CA ALA B 107 6.43 -41.27 9.52
C ALA B 107 6.48 -39.80 9.17
N VAL B 108 5.41 -39.05 9.42
CA VAL B 108 5.37 -37.70 8.94
C VAL B 108 4.82 -36.98 10.10
N ASP B 109 4.99 -35.67 10.07
CA ASP B 109 4.58 -34.72 11.11
C ASP B 109 3.13 -34.42 10.93
N TYR B 110 2.57 -33.68 11.84
CA TYR B 110 1.18 -33.36 11.69
C TYR B 110 1.08 -31.88 11.78
N TRP B 111 -0.07 -31.34 11.44
CA TRP B 111 -0.30 -29.92 11.46
C TRP B 111 -1.73 -29.79 11.97
N GLY B 112 -2.10 -28.56 12.36
CA GLY B 112 -3.43 -28.26 12.83
C GLY B 112 -4.05 -27.30 11.83
N GLN B 113 -4.82 -26.30 12.28
CA GLN B 113 -5.41 -25.39 11.32
C GLN B 113 -5.12 -23.88 11.44
N GLY B 114 -4.64 -23.45 12.60
CA GLY B 114 -4.24 -22.05 12.80
C GLY B 114 -5.25 -21.12 13.48
N THR B 115 -4.93 -19.83 13.46
CA THR B 115 -5.77 -18.72 13.95
C THR B 115 -5.11 -17.42 13.51
N SER B 116 -5.88 -16.39 13.16
CA SER B 116 -5.23 -15.13 12.76
C SER B 116 -4.70 -14.33 13.96
N VAL B 117 -3.63 -13.61 13.75
CA VAL B 117 -3.11 -12.69 14.75
C VAL B 117 -2.96 -11.42 13.90
N THR B 118 -3.46 -10.31 14.40
CA THR B 118 -3.47 -9.07 13.65
C THR B 118 -2.91 -7.96 14.50
N VAL B 119 -1.76 -7.46 14.06
CA VAL B 119 -1.07 -6.40 14.75
C VAL B 119 -1.47 -5.17 13.96
N SER B 120 -2.34 -4.38 14.57
CA SER B 120 -2.76 -3.18 13.94
C SER B 120 -3.01 -2.17 15.02
N SER B 121 -2.87 -0.93 14.65
CA SER B 121 -2.90 0.15 15.59
C SER B 121 -4.34 0.56 15.88
N ALA B 122 -5.18 0.25 14.89
CA ALA B 122 -6.59 0.58 14.82
C ALA B 122 -7.48 0.01 15.94
N LYS B 123 -8.80 -0.04 15.67
CA LYS B 123 -9.78 -0.56 16.62
C LYS B 123 -10.89 -1.36 15.91
N THR B 124 -11.47 -2.34 16.60
CA THR B 124 -12.55 -3.17 16.09
C THR B 124 -13.75 -2.35 15.62
N THR B 125 -14.51 -2.94 14.71
CA THR B 125 -15.74 -2.35 14.18
C THR B 125 -16.54 -3.50 13.59
N PRO B 126 -17.84 -3.58 13.91
CA PRO B 126 -18.72 -4.61 13.42
C PRO B 126 -19.09 -4.44 11.98
N PRO B 127 -19.62 -5.49 11.34
CA PRO B 127 -20.00 -5.44 9.93
C PRO B 127 -21.36 -4.83 9.68
N SER B 128 -21.54 -4.21 8.54
CA SER B 128 -22.88 -3.80 8.10
C SER B 128 -23.28 -4.66 6.87
N VAL B 129 -23.88 -5.84 7.10
CA VAL B 129 -24.32 -6.70 5.99
C VAL B 129 -25.34 -5.87 5.26
N TYR B 130 -25.74 -6.29 4.05
CA TYR B 130 -26.85 -5.67 3.28
C TYR B 130 -27.28 -6.78 2.37
N PRO B 131 -28.56 -6.82 2.01
CA PRO B 131 -29.06 -7.86 1.12
C PRO B 131 -28.80 -7.41 -0.29
N LEU B 132 -28.85 -8.33 -1.24
CA LEU B 132 -28.72 -7.99 -2.65
C LEU B 132 -29.69 -8.78 -3.46
N ALA B 133 -30.97 -8.53 -3.29
CA ALA B 133 -31.94 -9.15 -4.17
C ALA B 133 -31.59 -8.57 -5.53
N PRO B 134 -32.37 -8.88 -6.57
CA PRO B 134 -32.03 -8.35 -7.90
C PRO B 134 -32.07 -6.94 -8.56
N GLY B 135 -33.07 -6.10 -8.34
CA GLY B 135 -33.07 -4.88 -9.17
C GLY B 135 -34.40 -4.82 -9.92
N SER B 136 -34.46 -5.13 -11.23
CA SER B 136 -35.79 -5.37 -11.87
C SER B 136 -35.90 -6.56 -12.86
N ALA B 137 -34.79 -7.28 -13.04
CA ALA B 137 -34.76 -8.52 -13.84
C ALA B 137 -33.33 -9.17 -13.97
N ALA B 138 -33.20 -10.36 -13.37
CA ALA B 138 -32.00 -11.20 -13.49
C ALA B 138 -32.35 -12.11 -14.69
N GLN B 139 -31.65 -11.89 -15.80
CA GLN B 139 -31.99 -12.58 -17.03
C GLN B 139 -31.08 -13.71 -17.58
N THR B 140 -29.73 -13.55 -17.60
CA THR B 140 -28.81 -14.59 -18.13
C THR B 140 -29.34 -16.00 -17.83
N ASN B 141 -30.11 -16.51 -18.80
CA ASN B 141 -30.76 -17.86 -18.77
C ASN B 141 -31.68 -18.14 -17.55
N SER B 142 -32.26 -19.34 -17.46
CA SER B 142 -33.13 -19.58 -16.31
C SER B 142 -32.41 -19.96 -14.97
N MET B 143 -32.36 -19.00 -14.01
CA MET B 143 -31.66 -19.10 -12.71
C MET B 143 -31.41 -17.67 -12.22
N VAL B 144 -31.08 -17.47 -10.93
CA VAL B 144 -30.94 -16.09 -10.41
C VAL B 144 -29.79 -15.79 -9.40
N THR B 145 -29.32 -14.57 -9.42
CA THR B 145 -28.22 -14.27 -8.56
C THR B 145 -28.63 -13.31 -7.45
N LEU B 146 -28.31 -13.70 -6.24
CA LEU B 146 -28.61 -12.94 -5.05
C LEU B 146 -27.27 -12.86 -4.34
N GLY B 147 -27.11 -11.92 -3.42
CA GLY B 147 -25.81 -11.79 -2.74
C GLY B 147 -25.83 -10.98 -1.47
N CYS B 148 -24.68 -10.80 -0.86
CA CYS B 148 -24.60 -10.07 0.38
C CYS B 148 -23.36 -9.28 0.35
N LEU B 149 -23.46 -7.99 0.65
CA LEU B 149 -22.34 -7.06 0.72
C LEU B 149 -21.96 -6.84 2.15
N VAL B 150 -20.73 -7.05 2.55
CA VAL B 150 -20.40 -6.82 3.95
C VAL B 150 -19.35 -5.76 4.08
N LYS B 151 -19.84 -4.55 4.34
CA LYS B 151 -19.08 -3.29 4.42
C LYS B 151 -18.69 -2.90 5.82
N GLY B 152 -17.40 -2.79 6.06
CA GLY B 152 -16.92 -2.17 7.27
C GLY B 152 -16.84 -2.91 8.58
N TYR B 153 -15.90 -3.82 8.69
CA TYR B 153 -15.66 -4.47 9.95
C TYR B 153 -14.15 -4.54 10.03
N PHE B 154 -13.58 -4.85 11.19
CA PHE B 154 -12.16 -4.85 11.15
C PHE B 154 -11.18 -5.99 11.46
N PRO B 155 -11.24 -6.59 12.65
CA PRO B 155 -10.18 -7.63 12.65
C PRO B 155 -10.62 -8.59 11.55
N GLU B 156 -9.65 -9.15 10.87
CA GLU B 156 -9.93 -9.98 9.67
C GLU B 156 -10.69 -11.30 9.75
N PRO B 157 -10.58 -12.02 10.83
CA PRO B 157 -11.37 -13.26 10.79
C PRO B 157 -12.89 -12.99 10.60
N VAL B 158 -13.52 -13.65 9.62
CA VAL B 158 -14.98 -13.50 9.30
C VAL B 158 -15.54 -14.81 8.68
N THR B 159 -16.87 -15.00 8.74
CA THR B 159 -17.48 -16.18 8.10
C THR B 159 -18.89 -15.92 7.59
N VAL B 160 -19.16 -16.36 6.37
CA VAL B 160 -20.43 -16.09 5.70
C VAL B 160 -21.07 -17.36 5.15
N THR B 161 -22.16 -17.82 5.76
CA THR B 161 -22.87 -19.02 5.28
C THR B 161 -24.06 -18.52 4.47
N TRP B 162 -24.63 -19.42 3.68
CA TRP B 162 -25.91 -19.16 3.02
C TRP B 162 -26.97 -20.14 3.58
N ASN B 163 -27.90 -19.56 4.37
CA ASN B 163 -29.03 -20.24 4.93
C ASN B 163 -28.50 -21.32 5.83
N SER B 164 -28.15 -20.95 7.03
CA SER B 164 -27.55 -21.91 7.97
C SER B 164 -26.70 -22.99 7.28
N GLY B 165 -25.86 -22.55 6.36
CA GLY B 165 -24.97 -23.43 5.65
C GLY B 165 -25.56 -24.63 4.91
N SER B 166 -26.87 -24.62 4.73
CA SER B 166 -27.53 -25.77 4.14
C SER B 166 -27.36 -25.87 2.65
N LEU B 167 -27.28 -24.72 2.00
CA LEU B 167 -27.14 -24.65 0.53
C LEU B 167 -25.79 -24.04 0.03
N SER B 168 -24.99 -24.95 -0.53
CA SER B 168 -23.66 -24.68 -1.03
C SER B 168 -23.67 -24.46 -2.52
N SER B 169 -24.46 -25.27 -3.22
CA SER B 169 -24.45 -25.30 -4.71
C SER B 169 -24.43 -23.93 -5.38
N GLY B 170 -23.22 -23.36 -5.51
CA GLY B 170 -23.06 -22.11 -6.22
C GLY B 170 -22.89 -20.90 -5.35
N VAL B 171 -22.40 -21.13 -4.15
CA VAL B 171 -22.04 -20.04 -3.31
C VAL B 171 -20.65 -19.63 -3.81
N HIS B 172 -20.34 -18.34 -3.74
CA HIS B 172 -19.00 -17.79 -4.05
C HIS B 172 -18.74 -16.71 -3.06
N THR B 173 -18.03 -17.03 -2.01
CA THR B 173 -17.65 -15.99 -1.10
C THR B 173 -16.40 -15.48 -1.79
N PHE B 174 -16.02 -14.23 -1.51
CA PHE B 174 -14.88 -13.55 -2.14
C PHE B 174 -13.84 -13.07 -1.13
N PRO B 175 -12.60 -13.09 -1.56
CA PRO B 175 -11.53 -12.63 -0.70
C PRO B 175 -11.75 -11.15 -0.37
N ALA B 176 -11.82 -10.81 0.92
CA ALA B 176 -12.05 -9.42 1.38
C ALA B 176 -11.00 -8.43 0.90
N VAL B 177 -11.31 -7.14 0.99
CA VAL B 177 -10.40 -6.08 0.55
C VAL B 177 -10.21 -5.15 1.70
N LEU B 178 -9.47 -4.08 1.51
CA LEU B 178 -9.21 -3.13 2.60
C LEU B 178 -8.95 -1.79 2.00
N GLN B 179 -9.76 -0.81 2.35
CA GLN B 179 -9.46 0.52 1.92
C GLN B 179 -9.88 1.40 3.08
N SER B 180 -8.89 1.83 3.86
CA SER B 180 -9.09 2.68 5.04
C SER B 180 -9.28 1.90 6.25
N ASP B 181 -8.26 1.14 6.67
CA ASP B 181 -8.40 0.28 7.86
C ASP B 181 -9.88 -0.22 8.10
N LEU B 182 -10.47 -0.81 7.03
CA LEU B 182 -11.85 -1.33 7.03
C LEU B 182 -12.03 -2.31 5.87
N TYR B 183 -12.76 -3.39 6.10
CA TYR B 183 -12.92 -4.35 5.01
C TYR B 183 -14.30 -4.41 4.52
N THR B 184 -14.41 -4.88 3.29
CA THR B 184 -15.67 -4.98 2.62
C THR B 184 -15.49 -6.18 1.74
N LEU B 185 -16.46 -7.07 1.79
CA LEU B 185 -16.39 -8.38 1.17
C LEU B 185 -17.79 -8.80 0.92
N SER B 186 -18.01 -9.64 -0.09
CA SER B 186 -19.37 -10.04 -0.37
C SER B 186 -19.48 -11.37 -1.06
N SER B 187 -20.60 -12.06 -0.89
CA SER B 187 -20.65 -13.38 -1.44
C SER B 187 -21.75 -13.49 -2.49
N SER B 188 -22.05 -14.69 -2.96
CA SER B 188 -23.14 -14.85 -3.93
C SER B 188 -23.59 -16.27 -4.21
N VAL B 189 -24.90 -16.44 -4.28
CA VAL B 189 -25.53 -17.71 -4.51
C VAL B 189 -26.41 -17.62 -5.78
N THR B 190 -26.26 -18.54 -6.72
CA THR B 190 -27.21 -18.61 -7.83
C THR B 190 -28.12 -19.82 -7.68
N VAL B 191 -29.34 -19.55 -7.23
CA VAL B 191 -30.33 -20.59 -6.98
C VAL B 191 -31.05 -21.07 -8.29
N PRO B 192 -32.23 -21.75 -8.18
CA PRO B 192 -32.83 -22.17 -9.44
C PRO B 192 -33.76 -21.23 -10.20
N SER B 193 -33.69 -21.40 -11.52
CA SER B 193 -34.46 -20.76 -12.59
C SER B 193 -35.71 -19.96 -12.23
N THR B 194 -36.52 -20.59 -11.37
CA THR B 194 -37.71 -19.96 -10.82
C THR B 194 -37.20 -18.99 -9.75
N TRP B 195 -37.31 -17.66 -9.97
CA TRP B 195 -37.25 -16.77 -8.80
C TRP B 195 -38.19 -17.46 -7.77
N ARG B 196 -37.61 -17.86 -6.62
CA ARG B 196 -38.46 -18.68 -5.78
C ARG B 196 -39.21 -17.82 -4.79
N PRO B 197 -39.97 -18.49 -3.91
CA PRO B 197 -40.64 -17.68 -2.91
C PRO B 197 -39.34 -17.47 -2.13
N SER B 198 -38.57 -16.45 -2.59
CA SER B 198 -37.21 -16.12 -2.10
C SER B 198 -37.24 -16.32 -0.56
N GLU B 199 -38.49 -16.24 -0.02
CA GLU B 199 -38.87 -16.42 1.41
C GLU B 199 -37.91 -17.35 2.18
N THR B 200 -37.41 -18.36 1.53
CA THR B 200 -36.59 -19.14 2.37
C THR B 200 -35.19 -18.48 2.54
N VAL B 201 -34.56 -18.06 1.43
CA VAL B 201 -33.17 -17.60 1.39
C VAL B 201 -32.72 -16.57 2.41
N THR B 202 -31.86 -16.98 3.35
CA THR B 202 -31.33 -16.10 4.42
C THR B 202 -29.76 -16.09 4.44
N CYS B 203 -29.10 -14.94 4.31
CA CYS B 203 -27.62 -14.91 4.31
C CYS B 203 -27.02 -14.64 5.69
N ASN B 204 -26.74 -15.71 6.43
CA ASN B 204 -26.23 -15.62 7.82
C ASN B 204 -24.79 -15.19 7.88
N VAL B 205 -24.43 -14.40 8.87
CA VAL B 205 -23.07 -13.95 9.02
C VAL B 205 -22.45 -14.01 10.40
N ALA B 206 -21.16 -14.34 10.47
CA ALA B 206 -20.40 -14.46 11.74
C ALA B 206 -19.17 -13.56 11.85
N HIS B 207 -19.02 -12.86 12.96
CA HIS B 207 -17.88 -12.00 13.16
C HIS B 207 -17.51 -11.93 14.64
N PRO B 208 -16.49 -12.68 15.06
CA PRO B 208 -15.88 -12.86 16.37
C PRO B 208 -15.81 -11.67 17.31
N ALA B 209 -15.57 -10.49 16.77
CA ALA B 209 -15.58 -9.30 17.61
C ALA B 209 -17.03 -8.81 17.77
N SER B 210 -17.83 -9.71 18.38
CA SER B 210 -19.20 -9.55 18.86
C SER B 210 -20.48 -9.70 18.07
N SER B 211 -20.43 -10.02 16.78
CA SER B 211 -21.65 -9.95 15.96
C SER B 211 -22.19 -11.28 15.37
N THR B 212 -23.36 -11.20 14.73
CA THR B 212 -23.99 -12.28 13.95
C THR B 212 -25.22 -11.67 13.39
N LYS B 213 -25.16 -11.17 12.15
CA LYS B 213 -26.33 -10.57 11.54
C LYS B 213 -27.06 -11.71 10.90
N VAL B 214 -27.81 -11.41 9.86
CA VAL B 214 -28.57 -12.43 9.18
C VAL B 214 -29.28 -11.65 8.07
N ASP B 215 -29.98 -12.33 7.15
CA ASP B 215 -30.72 -11.59 6.18
C ASP B 215 -31.78 -12.22 5.34
N LYS B 216 -32.31 -11.41 4.43
CA LYS B 216 -33.53 -11.72 3.68
C LYS B 216 -33.46 -11.07 2.29
N LYS B 217 -34.22 -11.55 1.31
CA LYS B 217 -34.29 -10.88 -0.03
C LYS B 217 -35.67 -10.16 -0.41
N ILE B 218 -35.73 -9.29 -1.44
CA ILE B 218 -37.00 -8.59 -1.81
C ILE B 218 -37.99 -9.40 -2.68
N ASP C 1 -19.88 16.95 -10.32
CA ASP C 1 -18.49 17.10 -10.77
C ASP C 1 -18.35 17.90 -12.09
N ILE C 2 -17.41 18.88 -12.08
CA ILE C 2 -17.00 19.75 -13.23
C ILE C 2 -15.47 19.51 -13.56
N GLN C 3 -15.13 19.24 -14.83
CA GLN C 3 -13.79 18.73 -15.20
C GLN C 3 -12.79 19.51 -16.06
N LEU C 4 -11.59 19.76 -15.54
CA LEU C 4 -10.52 20.35 -16.33
C LEU C 4 -9.54 19.21 -16.43
N THR C 5 -8.83 19.07 -17.54
CA THR C 5 -7.74 18.09 -17.65
C THR C 5 -6.60 18.73 -18.44
N GLN C 6 -5.35 18.37 -18.12
CA GLN C 6 -4.18 18.97 -18.79
C GLN C 6 -3.39 18.09 -19.74
N SER C 7 -3.38 18.54 -20.99
CA SER C 7 -2.59 17.92 -22.07
C SER C 7 -1.33 18.76 -21.99
N PRO C 8 -0.22 18.13 -21.64
CA PRO C 8 -0.09 16.71 -21.32
C PRO C 8 0.40 16.59 -19.90
N ALA C 9 0.77 15.37 -19.50
CA ALA C 9 1.21 15.09 -18.14
C ALA C 9 2.66 15.51 -17.78
N PHE C 10 3.64 15.00 -18.53
CA PHE C 10 5.05 15.34 -18.30
C PHE C 10 5.67 15.87 -19.60
N MET C 11 6.55 16.83 -19.47
CA MET C 11 7.09 17.48 -20.62
C MET C 11 8.60 17.43 -20.47
N ALA C 12 9.33 17.82 -21.49
CA ALA C 12 10.76 17.88 -21.34
C ALA C 12 11.19 19.04 -22.24
N ALA C 13 11.87 20.01 -21.67
CA ALA C 13 12.23 21.19 -22.43
C ALA C 13 13.71 21.58 -22.34
N SER C 14 14.32 21.82 -23.50
CA SER C 14 15.73 22.23 -23.57
C SER C 14 15.76 23.69 -23.14
N PRO C 15 16.80 24.14 -22.42
CA PRO C 15 16.72 25.57 -22.06
C PRO C 15 16.67 26.46 -23.31
N GLY C 16 15.61 27.27 -23.39
CA GLY C 16 15.43 28.17 -24.53
C GLY C 16 14.29 27.83 -25.46
N GLU C 17 13.58 26.75 -25.17
CA GLU C 17 12.51 26.24 -26.02
C GLU C 17 11.25 27.03 -25.72
N LYS C 18 10.16 26.74 -26.43
CA LYS C 18 8.86 27.41 -26.21
C LYS C 18 7.87 26.34 -25.75
N VAL C 19 7.42 26.41 -24.51
CA VAL C 19 6.49 25.41 -24.02
C VAL C 19 5.01 25.86 -23.97
N THR C 20 4.08 24.95 -24.28
CA THR C 20 2.65 25.26 -24.15
C THR C 20 1.78 24.09 -23.66
N ILE C 21 1.39 24.21 -22.41
CA ILE C 21 0.55 23.24 -21.78
C ILE C 21 -0.88 23.76 -21.88
N THR C 22 -1.79 22.95 -22.40
CA THR C 22 -3.19 23.34 -22.56
C THR C 22 -4.00 22.98 -21.29
N CYS C 23 -5.21 23.50 -21.16
CA CYS C 23 -6.11 23.17 -20.04
C CYS C 23 -7.50 23.34 -20.59
N SER C 24 -8.43 22.48 -20.22
CA SER C 24 -9.72 22.49 -20.90
C SER C 24 -10.96 22.02 -20.11
N VAL C 25 -12.01 22.82 -20.10
CA VAL C 25 -13.16 22.43 -19.29
C VAL C 25 -14.12 21.35 -19.88
N SER C 26 -15.05 20.89 -19.06
CA SER C 26 -16.01 19.91 -19.55
C SER C 26 -17.18 20.69 -20.07
N SER C 27 -17.44 21.84 -19.48
CA SER C 27 -18.58 22.67 -19.88
C SER C 27 -17.99 24.04 -20.22
N SER C 28 -18.55 24.78 -21.17
CA SER C 28 -17.97 26.09 -21.47
C SER C 28 -18.04 27.12 -20.29
N ILE C 29 -17.02 27.30 -19.48
CA ILE C 29 -17.13 28.38 -18.51
C ILE C 29 -16.54 29.56 -19.24
N SER C 30 -16.17 30.62 -18.53
CA SER C 30 -15.66 31.80 -19.20
C SER C 30 -14.21 32.12 -18.84
N SER C 31 -13.42 32.40 -19.89
CA SER C 31 -12.02 32.77 -19.77
C SER C 31 -11.72 33.39 -18.41
N SER C 32 -12.33 34.53 -18.12
CA SER C 32 -12.01 35.24 -16.90
C SER C 32 -12.37 34.60 -15.54
N ASN C 33 -12.20 33.29 -15.42
CA ASN C 33 -12.38 32.62 -14.15
C ASN C 33 -11.59 31.32 -14.15
N LEU C 34 -10.56 31.31 -14.96
CA LEU C 34 -9.64 30.19 -15.05
C LEU C 34 -8.31 30.78 -14.61
N HIS C 35 -7.90 30.44 -13.37
CA HIS C 35 -6.62 30.86 -12.78
C HIS C 35 -5.62 29.77 -13.05
N TRP C 36 -4.33 30.12 -13.06
CA TRP C 36 -3.26 29.14 -13.29
C TRP C 36 -2.28 29.25 -12.13
N TYR C 37 -2.00 28.12 -11.49
CA TYR C 37 -1.13 28.05 -10.32
C TYR C 37 0.20 27.30 -10.63
N GLN C 38 1.33 27.70 -10.03
CA GLN C 38 2.61 27.01 -10.28
C GLN C 38 3.14 26.51 -8.98
N GLN C 39 3.55 25.25 -8.92
CA GLN C 39 4.03 24.68 -7.67
C GLN C 39 5.39 24.09 -7.82
N LYS C 40 6.35 24.60 -7.04
CA LYS C 40 7.73 24.09 -7.05
C LYS C 40 8.06 23.19 -5.87
N SER C 41 8.38 21.91 -6.16
CA SER C 41 8.68 20.83 -5.17
C SER C 41 9.11 21.34 -3.77
N GLU C 42 8.59 20.74 -2.70
CA GLU C 42 8.96 21.25 -1.37
C GLU C 42 8.22 22.57 -0.97
N THR C 43 7.29 23.10 -1.78
CA THR C 43 6.38 24.23 -1.40
C THR C 43 4.91 24.18 -1.96
N SER C 44 4.20 25.32 -1.75
CA SER C 44 2.76 25.56 -2.02
C SER C 44 2.33 26.26 -3.31
N PRO C 45 1.17 25.88 -3.87
CA PRO C 45 0.71 26.49 -5.11
C PRO C 45 0.91 27.98 -5.11
N LYS C 46 1.56 28.46 -6.15
CA LYS C 46 1.97 29.82 -6.26
C LYS C 46 1.19 30.44 -7.38
N PRO C 47 0.18 31.23 -7.02
CA PRO C 47 -0.69 31.93 -7.95
C PRO C 47 0.09 32.49 -9.11
N TRP C 48 -0.01 31.82 -10.25
CA TRP C 48 0.74 32.27 -11.39
C TRP C 48 -0.12 33.20 -12.25
N ILE C 49 -1.17 32.66 -12.87
CA ILE C 49 -1.95 33.48 -13.78
C ILE C 49 -3.44 33.62 -13.40
N TYR C 50 -3.91 34.85 -13.40
CA TYR C 50 -5.29 35.10 -13.07
C TYR C 50 -5.91 35.75 -14.27
N GLY C 51 -7.23 35.66 -14.38
CA GLY C 51 -7.88 36.06 -15.60
C GLY C 51 -7.54 34.83 -16.43
N THR C 52 -7.55 34.99 -17.74
CA THR C 52 -7.03 33.94 -18.60
C THR C 52 -5.74 34.46 -19.25
N SER C 53 -5.40 35.71 -18.95
CA SER C 53 -4.22 36.31 -19.48
C SER C 53 -3.55 37.20 -18.50
N ASN C 54 -4.06 37.32 -17.29
CA ASN C 54 -3.35 38.16 -16.35
C ASN C 54 -2.21 37.34 -15.69
N LEU C 55 -1.03 37.97 -15.50
CA LEU C 55 0.10 37.34 -14.79
C LEU C 55 0.05 37.82 -13.39
N ALA C 56 0.50 37.02 -12.45
CA ALA C 56 0.55 37.51 -11.08
C ALA C 56 1.86 38.29 -10.70
N SER C 57 1.76 39.13 -9.67
CA SER C 57 2.90 39.89 -9.10
C SER C 57 4.18 39.05 -9.18
N GLY C 58 5.03 39.34 -10.14
CA GLY C 58 6.28 38.63 -10.20
C GLY C 58 6.51 37.71 -11.38
N VAL C 59 5.44 37.11 -11.92
CA VAL C 59 5.56 36.13 -13.02
C VAL C 59 6.42 36.74 -14.12
N PRO C 60 7.55 36.08 -14.46
CA PRO C 60 8.33 36.71 -15.52
C PRO C 60 7.51 36.86 -16.79
N VAL C 61 7.69 37.98 -17.48
CA VAL C 61 6.94 38.31 -18.71
C VAL C 61 7.28 37.53 -19.99
N ARG C 62 7.96 36.41 -19.83
CA ARG C 62 8.25 35.55 -20.95
C ARG C 62 7.16 34.53 -20.90
N PHE C 63 6.26 34.66 -19.94
CA PHE C 63 5.16 33.73 -19.80
C PHE C 63 3.88 34.22 -20.50
N SER C 64 3.04 33.30 -20.99
CA SER C 64 1.82 33.72 -21.70
C SER C 64 0.56 32.83 -21.64
N GLY C 65 -0.56 33.46 -21.33
CA GLY C 65 -1.81 32.73 -21.19
C GLY C 65 -2.87 33.22 -22.13
N SER C 66 -3.75 32.33 -22.58
CA SER C 66 -4.82 32.70 -23.49
C SER C 66 -5.76 31.52 -23.77
N GLY C 67 -7.02 31.86 -24.03
CA GLY C 67 -8.04 30.87 -24.33
C GLY C 67 -9.40 31.57 -24.34
N SER C 68 -10.44 30.85 -24.74
CA SER C 68 -11.82 31.38 -24.73
C SER C 68 -12.62 30.15 -25.08
N GLY C 69 -13.58 29.79 -24.25
CA GLY C 69 -14.33 28.58 -24.55
C GLY C 69 -13.87 27.45 -23.66
N THR C 70 -13.56 26.29 -24.25
CA THR C 70 -13.11 25.12 -23.49
C THR C 70 -11.58 24.88 -23.42
N SER C 71 -10.80 25.44 -24.33
CA SER C 71 -9.36 25.30 -24.24
C SER C 71 -8.52 26.52 -23.93
N TYR C 72 -7.94 26.51 -22.73
CA TYR C 72 -7.02 27.54 -22.28
C TYR C 72 -5.62 26.96 -22.34
N SER C 73 -4.65 27.78 -22.70
CA SER C 73 -3.29 27.30 -22.69
C SER C 73 -2.35 28.21 -21.87
N LEU C 74 -1.11 27.77 -21.72
CA LEU C 74 -0.08 28.53 -21.07
C LEU C 74 1.04 28.29 -21.98
N THR C 75 1.86 29.30 -22.19
CA THR C 75 3.05 29.14 -23.02
C THR C 75 4.23 29.93 -22.51
N ILE C 76 5.38 29.28 -22.45
CA ILE C 76 6.60 29.94 -21.99
C ILE C 76 7.48 30.28 -23.21
N SER C 77 7.78 31.57 -23.47
CA SER C 77 8.61 31.97 -24.62
C SER C 77 9.87 31.15 -24.66
N SER C 78 10.83 31.48 -23.80
CA SER C 78 12.11 30.78 -23.72
C SER C 78 12.19 30.04 -22.42
N MET C 79 11.88 28.77 -22.46
CA MET C 79 11.98 27.95 -21.30
C MET C 79 13.33 28.23 -20.64
N GLU C 80 13.34 28.37 -19.33
CA GLU C 80 14.57 28.49 -18.58
C GLU C 80 14.48 27.52 -17.40
N ALA C 81 15.45 27.56 -16.49
CA ALA C 81 15.51 26.54 -15.44
C ALA C 81 14.63 26.70 -14.22
N GLU C 82 14.10 27.88 -13.98
CA GLU C 82 13.25 28.01 -12.83
C GLU C 82 11.75 27.92 -13.22
N ASP C 83 11.51 27.34 -14.38
CA ASP C 83 10.16 27.15 -14.82
C ASP C 83 9.86 25.70 -14.59
N ALA C 84 10.85 24.99 -14.06
CA ALA C 84 10.78 23.54 -13.81
C ALA C 84 9.69 23.02 -12.83
N ALA C 85 8.65 23.81 -12.62
CA ALA C 85 7.65 23.41 -11.66
C ALA C 85 6.69 22.41 -12.22
N THR C 86 5.57 22.26 -11.54
CA THR C 86 4.43 21.47 -11.97
C THR C 86 3.34 22.51 -11.95
N TYR C 87 2.68 22.71 -13.08
CA TYR C 87 1.67 23.73 -13.20
C TYR C 87 0.33 23.07 -13.15
N TYR C 88 -0.69 23.78 -12.62
CA TYR C 88 -2.09 23.31 -12.46
C TYR C 88 -3.10 24.46 -12.77
N CYS C 89 -4.20 24.15 -13.50
CA CYS C 89 -5.30 25.13 -13.74
C CYS C 89 -6.48 25.02 -12.80
N GLN C 90 -7.24 26.11 -12.68
CA GLN C 90 -8.34 26.14 -11.75
C GLN C 90 -9.51 26.99 -12.16
N GLN C 91 -10.69 26.45 -11.81
CA GLN C 91 -12.03 26.94 -12.16
C GLN C 91 -12.76 27.54 -10.99
N TRP C 92 -12.97 28.85 -10.96
CA TRP C 92 -13.79 29.53 -9.88
C TRP C 92 -15.10 30.08 -10.43
N ASN C 93 -15.64 29.40 -11.44
CA ASN C 93 -16.91 29.75 -12.11
C ASN C 93 -18.12 29.34 -11.26
N SER C 94 -18.40 28.05 -11.19
CA SER C 94 -19.51 27.58 -10.37
C SER C 94 -18.97 26.55 -9.36
N TYR C 95 -19.56 26.52 -8.17
CA TYR C 95 -19.18 25.50 -7.19
C TYR C 95 -19.57 24.18 -7.84
N PRO C 96 -18.73 23.16 -7.68
CA PRO C 96 -17.49 23.26 -6.93
C PRO C 96 -16.35 23.70 -7.85
N TYR C 97 -15.35 24.34 -7.23
CA TYR C 97 -14.14 24.79 -7.88
C TYR C 97 -13.29 23.53 -8.08
N THR C 98 -12.94 23.21 -9.32
CA THR C 98 -12.14 22.03 -9.59
C THR C 98 -10.84 22.43 -10.17
N PHE C 99 -9.89 21.50 -10.17
CA PHE C 99 -8.52 21.75 -10.68
C PHE C 99 -8.00 20.73 -11.69
N GLY C 100 -6.94 21.11 -12.38
CA GLY C 100 -6.39 20.23 -13.38
C GLY C 100 -5.55 19.15 -12.76
N GLY C 101 -5.21 18.15 -13.54
CA GLY C 101 -4.33 17.11 -13.03
C GLY C 101 -2.97 17.73 -12.80
N GLY C 102 -2.72 18.85 -13.46
CA GLY C 102 -1.46 19.55 -13.32
C GLY C 102 -0.40 18.99 -14.21
N THR C 103 0.18 19.83 -15.07
CA THR C 103 1.27 19.44 -15.98
C THR C 103 2.64 19.57 -15.32
N LYS C 104 3.49 18.55 -15.46
CA LYS C 104 4.84 18.60 -14.86
C LYS C 104 5.95 18.91 -15.89
N LEU C 105 6.62 20.03 -15.76
CA LEU C 105 7.65 20.29 -16.71
C LEU C 105 8.94 19.79 -16.15
N GLU C 106 9.88 19.49 -17.05
CA GLU C 106 11.22 19.22 -16.64
C GLU C 106 12.20 19.63 -17.69
N ILE C 107 13.42 19.89 -17.29
CA ILE C 107 14.37 20.50 -18.20
C ILE C 107 15.44 19.58 -18.67
N LYS C 108 15.56 19.50 -20.00
CA LYS C 108 16.48 18.62 -20.72
C LYS C 108 18.01 18.87 -20.60
N ARG C 109 18.75 17.79 -20.33
CA ARG C 109 20.19 17.83 -20.10
C ARG C 109 20.98 16.71 -20.81
N ALA C 110 22.31 16.84 -20.75
CA ALA C 110 23.25 15.86 -21.26
C ALA C 110 23.43 14.74 -20.26
N ASP C 111 23.36 13.49 -20.72
CA ASP C 111 23.53 12.29 -19.89
C ASP C 111 24.68 12.45 -18.96
N ALA C 112 24.56 11.96 -17.76
CA ALA C 112 25.66 12.15 -16.86
C ALA C 112 25.72 11.12 -15.76
N ALA C 113 26.90 10.49 -15.70
CA ALA C 113 27.24 9.45 -14.74
C ALA C 113 27.28 10.04 -13.33
N PRO C 114 26.61 9.35 -12.36
CA PRO C 114 26.42 9.62 -10.93
C PRO C 114 27.65 9.44 -10.08
N THR C 115 27.60 9.96 -8.85
CA THR C 115 28.69 9.86 -7.91
C THR C 115 28.23 8.95 -6.78
N VAL C 116 28.40 7.66 -7.00
CA VAL C 116 28.02 6.64 -6.05
C VAL C 116 28.78 6.84 -4.75
N SER C 117 28.21 6.36 -3.65
CA SER C 117 28.79 6.53 -2.34
C SER C 117 28.16 5.49 -1.37
N ILE C 118 28.98 4.86 -0.54
CA ILE C 118 28.45 3.86 0.39
C ILE C 118 29.01 3.95 1.80
N PHE C 119 28.33 4.68 2.67
CA PHE C 119 28.76 4.83 4.06
C PHE C 119 28.25 3.59 4.78
N PRO C 120 29.09 2.94 5.62
CA PRO C 120 28.59 1.78 6.32
C PRO C 120 27.84 2.26 7.56
N PRO C 121 27.21 1.35 8.32
CA PRO C 121 26.46 1.67 9.52
C PRO C 121 27.18 2.69 10.40
N SER C 122 26.46 3.27 11.33
CA SER C 122 26.99 4.35 12.15
C SER C 122 27.23 3.89 13.57
N SER C 123 28.41 4.22 14.14
CA SER C 123 28.78 3.92 15.56
C SER C 123 27.56 3.85 16.43
N GLU C 124 26.89 5.01 16.55
CA GLU C 124 25.67 5.15 17.29
C GLU C 124 24.80 3.95 17.04
N GLN C 125 24.26 3.90 15.82
CA GLN C 125 23.21 2.95 15.52
C GLN C 125 23.34 1.52 15.92
N LEU C 126 24.45 0.89 15.53
CA LEU C 126 24.70 -0.55 15.79
C LEU C 126 24.42 -0.93 17.24
N THR C 127 25.08 -0.22 18.14
CA THR C 127 24.99 -0.54 19.55
C THR C 127 23.73 0.07 20.20
N SER C 128 22.70 0.22 19.35
CA SER C 128 21.37 0.60 19.79
C SER C 128 20.55 -0.63 19.38
N GLY C 129 20.84 -1.20 18.21
CA GLY C 129 20.10 -2.35 17.75
C GLY C 129 20.43 -2.73 16.33
N GLY C 130 19.48 -2.55 15.40
CA GLY C 130 19.69 -2.87 13.99
C GLY C 130 20.77 -2.03 13.31
N ALA C 131 21.06 -2.33 12.06
CA ALA C 131 22.11 -1.60 11.35
C ALA C 131 22.03 -1.67 9.83
N SER C 132 22.15 -0.49 9.19
CA SER C 132 21.94 -0.33 7.76
C SER C 132 23.01 0.38 6.93
N VAL C 133 23.49 -0.35 5.93
CA VAL C 133 24.50 0.09 4.97
C VAL C 133 23.89 1.02 3.91
N VAL C 134 24.02 2.33 4.14
CA VAL C 134 23.44 3.39 3.30
C VAL C 134 24.23 3.85 2.08
N CYS C 135 23.69 3.64 0.90
CA CYS C 135 24.38 4.01 -0.31
C CYS C 135 23.74 5.20 -1.09
N PHE C 136 24.41 6.35 -1.09
CA PHE C 136 23.92 7.51 -1.84
C PHE C 136 24.37 7.38 -3.28
N LEU C 137 23.71 8.10 -4.19
CA LEU C 137 24.04 7.99 -5.61
C LEU C 137 23.71 9.29 -6.20
N ASN C 138 24.67 10.18 -6.31
CA ASN C 138 24.32 11.51 -6.69
C ASN C 138 24.59 12.07 -8.09
N ASN C 139 23.71 12.96 -8.51
CA ASN C 139 23.93 13.77 -9.67
C ASN C 139 23.82 13.13 -10.98
N PHE C 140 23.03 12.08 -11.09
CA PHE C 140 22.90 11.42 -12.39
C PHE C 140 21.84 12.06 -13.23
N TYR C 141 21.81 11.66 -14.50
CA TYR C 141 20.78 12.08 -15.43
C TYR C 141 20.84 11.12 -16.63
N PRO C 142 19.65 10.66 -17.13
CA PRO C 142 18.24 10.90 -16.74
C PRO C 142 17.83 10.14 -15.46
N LYS C 143 16.54 10.12 -15.12
CA LYS C 143 16.10 9.38 -13.93
C LYS C 143 15.71 7.94 -14.23
N ASP C 144 15.88 7.52 -15.49
CA ASP C 144 15.58 6.13 -15.91
C ASP C 144 16.66 5.19 -15.39
N ILE C 145 16.74 5.03 -14.05
CA ILE C 145 17.76 4.18 -13.42
C ILE C 145 17.25 3.01 -12.49
N ASN C 146 18.13 2.03 -12.24
CA ASN C 146 17.82 0.91 -11.37
C ASN C 146 19.13 0.52 -10.63
N VAL C 147 18.98 -0.08 -9.43
CA VAL C 147 20.10 -0.44 -8.54
C VAL C 147 19.83 -1.62 -7.58
N LYS C 148 20.91 -2.34 -7.29
CA LYS C 148 20.87 -3.51 -6.46
C LYS C 148 22.02 -3.51 -5.46
N TRP C 149 21.77 -4.12 -4.32
CA TRP C 149 22.76 -4.28 -3.27
C TRP C 149 23.06 -5.79 -3.16
N LYS C 150 24.25 -6.21 -3.61
CA LYS C 150 24.65 -7.62 -3.44
C LYS C 150 25.77 -7.62 -2.39
N ILE C 151 25.61 -8.47 -1.37
CA ILE C 151 26.65 -8.71 -0.35
C ILE C 151 27.15 -10.14 -0.59
N ASP C 152 28.42 -10.26 -0.95
CA ASP C 152 28.96 -11.55 -1.34
C ASP C 152 28.04 -12.16 -2.42
N GLY C 153 28.19 -11.70 -3.66
CA GLY C 153 27.53 -12.33 -4.78
C GLY C 153 26.01 -12.27 -4.72
N SER C 154 25.39 -13.06 -3.85
CA SER C 154 23.94 -13.21 -3.84
C SER C 154 23.43 -11.82 -3.53
N GLU C 155 22.78 -11.22 -4.51
CA GLU C 155 22.14 -9.95 -4.30
C GLU C 155 21.20 -10.25 -3.14
N ARG C 156 21.17 -9.42 -2.10
CA ARG C 156 20.27 -9.66 -0.97
C ARG C 156 19.49 -8.39 -0.77
N GLN C 157 18.35 -8.41 -1.48
CA GLN C 157 17.39 -7.30 -1.55
C GLN C 157 16.25 -7.35 -0.54
N ASN C 158 16.52 -7.22 0.74
CA ASN C 158 15.42 -7.30 1.69
C ASN C 158 15.49 -6.29 2.80
N GLY C 159 15.26 -5.03 2.42
CA GLY C 159 15.27 -3.92 3.36
C GLY C 159 15.44 -2.66 2.53
N VAL C 160 16.08 -2.84 1.37
CA VAL C 160 16.26 -1.80 0.35
C VAL C 160 15.10 -0.78 0.23
N LEU C 161 15.30 0.41 0.75
CA LEU C 161 14.31 1.48 0.54
C LEU C 161 14.88 2.60 -0.32
N ASN C 162 14.65 2.47 -1.64
CA ASN C 162 15.16 3.43 -2.63
C ASN C 162 14.33 4.71 -2.63
N SER C 163 14.98 5.86 -2.44
CA SER C 163 14.27 7.11 -2.32
C SER C 163 14.93 8.01 -3.29
N TRP C 164 14.15 8.82 -4.00
CA TRP C 164 14.63 9.72 -5.07
C TRP C 164 14.58 11.23 -4.80
N THR C 165 14.94 12.04 -5.81
CA THR C 165 14.98 13.50 -5.69
C THR C 165 14.44 14.11 -6.97
N ASP C 166 13.74 15.23 -6.86
CA ASP C 166 13.21 15.93 -8.03
C ASP C 166 14.43 16.74 -8.50
N GLN C 167 14.44 17.16 -9.76
CA GLN C 167 15.56 17.92 -10.33
C GLN C 167 16.32 18.90 -9.46
N ASP C 168 17.62 19.05 -9.70
CA ASP C 168 18.39 20.07 -8.99
C ASP C 168 17.90 21.37 -9.60
N SER C 169 18.49 22.48 -9.19
CA SER C 169 18.12 23.79 -9.71
C SER C 169 19.33 24.46 -10.26
N LYS C 170 20.47 24.15 -9.67
CA LYS C 170 21.79 24.60 -10.14
C LYS C 170 22.19 23.79 -11.37
N ASP C 171 22.39 22.52 -11.12
CA ASP C 171 22.86 21.59 -12.08
C ASP C 171 21.78 20.93 -12.89
N SER C 172 20.63 20.67 -12.30
CA SER C 172 19.53 19.93 -12.98
C SER C 172 19.74 18.42 -13.21
N THR C 173 20.08 17.69 -12.12
CA THR C 173 20.21 16.24 -12.13
C THR C 173 19.56 15.65 -10.91
N TYR C 174 19.11 14.42 -11.10
CA TYR C 174 18.51 13.67 -10.05
C TYR C 174 19.62 13.16 -9.15
N SER C 175 19.25 12.55 -8.03
CA SER C 175 20.17 12.02 -7.02
C SER C 175 19.29 11.10 -6.21
N MET C 176 19.79 9.95 -5.78
CA MET C 176 18.95 9.02 -5.03
C MET C 176 19.68 8.26 -3.96
N SER C 177 18.91 7.74 -3.02
CA SER C 177 19.42 7.01 -1.90
C SER C 177 18.69 5.72 -1.87
N SER C 178 19.24 4.79 -1.10
CA SER C 178 18.60 3.52 -0.92
C SER C 178 19.26 2.97 0.31
N THR C 179 18.45 2.31 1.14
CA THR C 179 18.93 1.74 2.37
C THR C 179 18.63 0.27 2.50
N LEU C 180 19.66 -0.49 2.79
CA LEU C 180 19.53 -1.89 3.13
C LEU C 180 19.57 -1.79 4.62
N THR C 181 18.74 -2.59 5.27
CA THR C 181 18.61 -2.47 6.70
C THR C 181 18.50 -3.84 7.33
N LEU C 182 19.42 -4.10 8.24
CA LEU C 182 19.50 -5.41 8.77
C LEU C 182 19.60 -5.48 10.27
N THR C 183 19.16 -6.64 10.71
CA THR C 183 19.18 -7.15 12.06
C THR C 183 20.69 -7.43 12.20
N LYS C 184 21.37 -6.95 13.27
CA LYS C 184 22.84 -7.06 13.38
C LYS C 184 23.42 -8.44 13.19
N ASP C 185 22.72 -9.49 13.63
CA ASP C 185 23.24 -10.83 13.39
C ASP C 185 23.42 -11.15 11.91
N GLU C 186 22.61 -10.51 11.06
CA GLU C 186 22.80 -10.66 9.63
C GLU C 186 24.01 -9.84 9.22
N TYR C 187 24.35 -8.82 10.03
CA TYR C 187 25.47 -7.92 9.70
C TYR C 187 26.91 -8.47 9.89
N GLU C 188 27.31 -8.89 11.09
CA GLU C 188 28.64 -9.44 11.20
C GLU C 188 28.70 -10.55 10.18
N ARG C 189 27.58 -11.27 10.04
CA ARG C 189 27.42 -12.43 9.12
C ARG C 189 27.95 -12.30 7.67
N HIS C 190 28.51 -11.16 7.30
CA HIS C 190 29.07 -11.04 5.96
C HIS C 190 30.20 -9.99 5.92
N ASN C 191 30.74 -9.76 4.72
CA ASN C 191 31.76 -8.73 4.55
C ASN C 191 31.66 -7.92 3.24
N SER C 192 31.79 -8.60 2.11
CA SER C 192 31.73 -7.90 0.83
C SER C 192 30.38 -7.23 0.79
N TYR C 193 30.39 -5.92 1.11
CA TYR C 193 29.19 -5.12 0.99
C TYR C 193 29.39 -4.16 -0.18
N THR C 194 28.76 -4.49 -1.30
CA THR C 194 28.89 -3.67 -2.51
C THR C 194 27.57 -3.10 -3.07
N CYS C 195 27.64 -1.87 -3.57
CA CYS C 195 26.48 -1.14 -4.10
C CYS C 195 26.59 -0.95 -5.66
N GLU C 196 26.34 -1.99 -6.46
CA GLU C 196 26.45 -1.82 -7.93
C GLU C 196 25.32 -0.98 -8.57
N ALA C 197 25.67 -0.01 -9.42
CA ALA C 197 24.68 0.96 -9.95
C ALA C 197 24.65 1.01 -11.48
N THR C 198 23.51 0.67 -12.10
CA THR C 198 23.50 0.71 -13.55
C THR C 198 22.53 1.64 -14.15
N HIS C 199 23.09 2.46 -15.02
CA HIS C 199 22.48 3.63 -15.60
C HIS C 199 23.02 3.79 -17.02
N LYS C 200 22.14 3.98 -18.00
CA LYS C 200 22.53 4.19 -19.38
C LYS C 200 23.93 4.67 -19.74
N THR C 201 24.65 5.41 -18.86
CA THR C 201 26.00 6.03 -19.14
C THR C 201 27.35 5.35 -18.89
N SER C 202 27.50 4.06 -19.17
CA SER C 202 28.74 3.34 -18.82
C SER C 202 28.38 1.90 -18.75
N THR C 203 28.42 1.19 -19.87
CA THR C 203 28.00 -0.21 -19.88
C THR C 203 28.79 -1.15 -18.91
N SER C 204 29.78 -0.55 -18.26
CA SER C 204 30.58 -1.16 -17.19
C SER C 204 30.10 -0.52 -15.84
N PRO C 205 29.14 -1.15 -15.14
CA PRO C 205 28.55 -0.73 -13.86
C PRO C 205 29.43 0.10 -12.91
N ILE C 206 28.81 0.73 -11.91
CA ILE C 206 29.59 1.41 -10.88
C ILE C 206 29.44 0.64 -9.56
N VAL C 207 30.49 0.47 -8.77
CA VAL C 207 30.35 -0.38 -7.59
C VAL C 207 31.12 -0.03 -6.32
N LYS C 208 31.00 1.20 -5.81
CA LYS C 208 31.63 1.53 -4.53
C LYS C 208 31.20 0.52 -3.46
N SER C 209 32.20 0.01 -2.72
CA SER C 209 31.96 -1.04 -1.76
C SER C 209 32.88 -1.06 -0.54
N PHE C 210 32.45 -1.72 0.53
CA PHE C 210 33.25 -1.75 1.74
C PHE C 210 33.39 -3.12 2.37
N ASN C 211 34.63 -3.55 2.58
CA ASN C 211 34.91 -4.83 3.22
C ASN C 211 34.90 -4.57 4.72
N ARG C 212 35.92 -3.84 5.20
CA ARG C 212 36.09 -3.48 6.63
C ARG C 212 37.16 -2.38 6.88
N ASN C 213 36.69 -1.26 7.46
CA ASN C 213 37.54 -0.13 7.89
C ASN C 213 37.38 -0.02 9.40
N GLU C 214 36.15 -0.31 9.82
CA GLU C 214 35.81 -0.31 11.22
C GLU C 214 36.54 -1.43 12.05
N CYS C 215 36.08 -2.67 11.89
CA CYS C 215 36.60 -3.81 12.66
C CYS C 215 37.66 -4.65 11.89
N GLU D 1 -1.06 42.80 -1.84
CA GLU D 1 -0.50 42.78 -0.45
C GLU D 1 -1.25 41.80 0.54
N VAL D 2 -0.53 41.07 1.41
CA VAL D 2 -1.10 40.08 2.33
C VAL D 2 -0.08 39.41 3.25
N LYS D 3 -0.61 38.66 4.21
CA LYS D 3 0.14 37.87 5.22
C LYS D 3 -0.89 36.84 5.85
N LEU D 4 -0.93 35.58 5.37
CA LEU D 4 -1.85 34.56 5.90
C LEU D 4 -1.06 33.46 6.57
N GLN D 5 -1.32 33.24 7.86
CA GLN D 5 -0.59 32.27 8.65
C GLN D 5 -1.60 31.32 9.30
N GLU D 6 -1.53 30.05 8.91
CA GLU D 6 -2.45 29.03 9.39
C GLU D 6 -1.79 28.09 10.43
N SER D 7 -2.46 27.95 11.57
CA SER D 7 -1.91 27.20 12.70
C SER D 7 -2.85 26.06 12.91
N GLY D 8 -2.40 25.11 13.75
CA GLY D 8 -3.26 24.07 14.25
C GLY D 8 -3.16 22.67 13.73
N GLY D 9 -2.28 22.44 12.79
CA GLY D 9 -2.15 21.11 12.20
C GLY D 9 -1.59 20.09 13.17
N GLY D 10 -1.55 18.82 12.73
CA GLY D 10 -1.11 17.75 13.62
C GLY D 10 -1.57 16.41 13.10
N LEU D 11 -1.94 15.54 14.02
CA LEU D 11 -2.27 14.16 13.71
C LEU D 11 -3.33 13.70 14.74
N VAL D 12 -4.34 12.93 14.32
CA VAL D 12 -5.44 12.58 15.20
C VAL D 12 -5.83 11.18 15.01
N GLN D 13 -6.27 10.54 16.08
CA GLN D 13 -6.81 9.19 15.96
C GLN D 13 -7.95 9.41 14.96
N PRO D 14 -8.27 8.42 14.10
CA PRO D 14 -9.36 8.66 13.15
C PRO D 14 -10.57 8.96 13.99
N GLY D 15 -11.51 9.72 13.43
CA GLY D 15 -12.68 10.13 14.16
C GLY D 15 -12.40 11.43 14.90
N GLY D 16 -11.13 11.67 15.23
CA GLY D 16 -10.78 12.86 16.00
C GLY D 16 -11.26 14.16 15.37
N SER D 17 -11.31 15.22 16.16
CA SER D 17 -11.73 16.52 15.66
C SER D 17 -10.51 17.44 15.68
N MET D 18 -10.60 18.59 14.98
CA MET D 18 -9.52 19.58 14.87
C MET D 18 -10.06 20.99 14.66
N LYS D 19 -9.17 21.98 14.55
CA LYS D 19 -9.62 23.32 14.26
C LYS D 19 -8.53 24.15 13.63
N LEU D 20 -8.38 24.00 12.32
CA LEU D 20 -7.39 24.72 11.54
C LEU D 20 -7.73 26.15 11.73
N SER D 21 -6.78 27.02 11.44
CA SER D 21 -7.04 28.41 11.59
C SER D 21 -6.14 29.01 10.56
N CYS D 22 -6.20 30.34 10.45
CA CYS D 22 -5.30 31.24 9.72
C CYS D 22 -5.87 32.60 9.98
N VAL D 23 -4.99 33.57 10.17
CA VAL D 23 -5.45 34.91 10.48
C VAL D 23 -5.01 35.86 9.36
N ALA D 24 -5.87 36.79 8.98
CA ALA D 24 -5.57 37.68 7.86
C ALA D 24 -4.84 38.90 8.34
N SER D 25 -3.84 39.38 7.59
CA SER D 25 -3.21 40.66 7.95
C SER D 25 -3.20 41.49 6.69
N GLY D 26 -3.13 42.82 6.85
CA GLY D 26 -3.24 43.73 5.71
C GLY D 26 -4.71 43.96 5.34
N PHE D 27 -5.40 42.89 5.02
CA PHE D 27 -6.80 42.94 4.69
C PHE D 27 -7.58 43.67 5.72
N THR D 28 -8.57 44.36 5.19
CA THR D 28 -9.83 44.70 5.83
C THR D 28 -10.40 45.06 4.47
N PHE D 29 -10.71 44.00 3.74
CA PHE D 29 -11.19 44.25 2.40
C PHE D 29 -12.66 44.03 2.35
N ASN D 30 -13.30 45.17 2.68
CA ASN D 30 -14.73 45.35 2.80
C ASN D 30 -15.38 44.01 2.40
N ASN D 31 -15.16 43.60 1.14
CA ASN D 31 -15.74 42.36 0.58
C ASN D 31 -14.73 41.38 -0.09
N TYR D 32 -14.66 40.15 0.45
CA TYR D 32 -13.73 39.06 0.04
C TYR D 32 -14.47 37.72 -0.01
N TRP D 33 -13.71 36.66 0.00
CA TRP D 33 -14.24 35.32 0.12
C TRP D 33 -13.02 34.55 0.66
N MET D 34 -13.25 33.41 1.29
CA MET D 34 -12.14 32.70 1.84
C MET D 34 -12.54 31.25 1.73
N SER D 35 -11.57 30.38 1.59
CA SER D 35 -11.85 28.96 1.44
C SER D 35 -10.64 28.15 1.83
N TRP D 36 -10.85 26.87 2.14
CA TRP D 36 -9.77 25.94 2.44
C TRP D 36 -9.62 24.95 1.29
N VAL D 37 -8.41 24.90 0.73
CA VAL D 37 -8.00 24.01 -0.35
C VAL D 37 -7.07 23.01 0.31
N ARG D 38 -6.97 21.80 -0.23
CA ARG D 38 -6.16 20.76 0.39
C ARG D 38 -5.42 19.88 -0.59
N GLN D 39 -4.24 19.40 -0.21
CA GLN D 39 -3.50 18.57 -1.12
C GLN D 39 -2.74 17.43 -0.49
N SER D 40 -3.07 16.20 -0.92
CA SER D 40 -2.32 15.02 -0.52
C SER D 40 -1.95 14.31 -1.83
N PRO D 41 -0.93 13.45 -1.80
CA PRO D 41 -0.59 12.80 -3.06
C PRO D 41 -1.70 11.95 -3.73
N GLU D 42 -2.58 11.36 -2.93
CA GLU D 42 -3.65 10.52 -3.49
C GLU D 42 -4.57 11.34 -4.44
N LYS D 43 -4.89 12.56 -4.01
CA LYS D 43 -5.84 13.45 -4.71
C LYS D 43 -5.31 14.73 -5.36
N GLY D 44 -4.06 15.14 -5.11
CA GLY D 44 -3.59 16.36 -5.71
C GLY D 44 -4.43 17.36 -4.99
N LEU D 45 -4.71 18.51 -5.60
CA LEU D 45 -5.47 19.62 -4.98
C LEU D 45 -7.00 19.51 -5.03
N GLU D 46 -7.68 19.92 -3.96
CA GLU D 46 -9.14 19.97 -3.98
C GLU D 46 -9.77 21.09 -3.13
N TRP D 47 -10.66 21.89 -3.73
CA TRP D 47 -11.36 22.94 -2.99
C TRP D 47 -12.21 22.14 -2.03
N VAL D 48 -11.97 22.36 -0.73
CA VAL D 48 -12.76 21.72 0.33
C VAL D 48 -13.97 22.60 0.74
N ALA D 49 -13.71 23.74 1.35
CA ALA D 49 -14.76 24.62 1.85
C ALA D 49 -14.66 25.99 1.27
N GLU D 50 -15.41 26.89 1.91
CA GLU D 50 -15.47 28.32 1.59
C GLU D 50 -16.57 29.02 2.34
N ILE D 51 -16.23 29.97 3.19
CA ILE D 51 -17.28 30.80 3.72
C ILE D 51 -17.37 31.89 2.66
N ARG D 52 -18.21 32.90 2.85
CA ARG D 52 -18.39 33.91 1.80
C ARG D 52 -18.83 35.29 2.22
N LEU D 53 -18.00 36.29 2.02
CA LEU D 53 -18.43 37.58 2.52
C LEU D 53 -19.02 38.71 1.67
N ASN D 54 -19.11 38.61 0.34
CA ASN D 54 -19.81 39.69 -0.45
C ASN D 54 -20.50 40.92 0.26
N SER D 55 -21.09 40.73 1.47
CA SER D 55 -21.66 41.74 2.43
C SER D 55 -22.67 41.00 3.35
N ASP D 56 -23.25 39.94 2.77
CA ASP D 56 -24.13 39.04 3.51
C ASP D 56 -23.17 38.37 4.50
N ASN D 57 -23.50 38.49 5.79
CA ASN D 57 -22.73 37.93 6.92
C ASN D 57 -21.99 36.63 6.60
N PHE D 58 -22.78 35.54 6.54
CA PHE D 58 -22.31 34.21 6.24
C PHE D 58 -23.14 33.54 5.14
N ALA D 59 -22.44 32.97 4.18
CA ALA D 59 -23.03 32.06 3.23
C ALA D 59 -21.89 31.04 3.08
N THR D 60 -22.20 29.76 3.08
CA THR D 60 -21.11 28.81 2.99
C THR D 60 -21.48 27.90 1.88
N HIS D 61 -20.54 27.04 1.46
CA HIS D 61 -20.74 25.99 0.42
C HIS D 61 -19.65 24.95 0.55
N TYR D 62 -19.99 23.67 0.52
CA TYR D 62 -19.01 22.56 0.67
C TYR D 62 -19.13 21.59 -0.52
N ALA D 63 -18.77 20.32 -0.37
CA ALA D 63 -18.83 19.49 -1.55
C ALA D 63 -18.92 17.98 -1.33
N GLU D 64 -19.19 17.29 -2.42
CA GLU D 64 -19.31 15.84 -2.40
C GLU D 64 -18.92 15.12 -1.07
N SER D 65 -17.66 15.28 -0.65
CA SER D 65 -17.18 14.51 0.48
C SER D 65 -16.43 15.40 1.47
N VAL D 66 -17.16 16.33 2.06
CA VAL D 66 -16.64 17.16 3.14
C VAL D 66 -17.77 17.63 4.01
N LYS D 67 -18.93 17.86 3.38
CA LYS D 67 -20.11 18.33 4.11
C LYS D 67 -20.45 17.35 5.22
N GLY D 68 -21.23 17.79 6.22
CA GLY D 68 -21.51 16.95 7.37
C GLY D 68 -20.28 16.86 8.28
N LYS D 69 -19.10 16.86 7.66
CA LYS D 69 -17.87 16.73 8.38
C LYS D 69 -17.20 18.01 8.80
N PHE D 70 -17.22 19.07 7.99
CA PHE D 70 -16.51 20.27 8.47
C PHE D 70 -17.40 21.51 8.32
N ILE D 71 -17.07 22.58 9.04
CA ILE D 71 -17.81 23.83 8.90
C ILE D 71 -16.86 25.02 8.94
N ILE D 72 -16.92 25.84 7.90
CA ILE D 72 -16.12 27.04 7.83
C ILE D 72 -16.82 28.01 8.71
N SER D 73 -16.07 28.95 9.26
CA SER D 73 -16.58 30.03 10.11
C SER D 73 -15.37 30.96 10.24
N ARG D 74 -15.64 32.25 10.42
CA ARG D 74 -14.59 33.31 10.47
C ARG D 74 -15.17 34.62 10.87
N ASP D 75 -14.62 35.27 11.87
CA ASP D 75 -15.14 36.61 12.08
C ASP D 75 -14.12 37.69 11.97
N ASP D 76 -14.51 38.67 11.15
CA ASP D 76 -13.64 39.78 10.84
C ASP D 76 -13.18 40.39 12.17
N SER D 77 -14.11 40.55 13.12
CA SER D 77 -13.79 41.16 14.43
C SER D 77 -12.49 40.52 14.96
N LYS D 78 -12.51 39.19 14.88
CA LYS D 78 -11.47 38.30 15.38
C LYS D 78 -10.27 38.27 14.44
N SER D 79 -10.58 38.67 13.20
CA SER D 79 -9.69 38.71 12.02
C SER D 79 -9.24 37.32 11.60
N ARG D 80 -9.80 36.26 12.22
CA ARG D 80 -9.30 34.92 11.98
C ARG D 80 -10.30 34.11 11.16
N LEU D 81 -9.91 32.96 10.63
CA LEU D 81 -10.81 32.14 9.83
C LEU D 81 -10.63 30.72 10.33
N TYR D 82 -11.61 30.21 11.09
CA TYR D 82 -11.55 28.87 11.69
C TYR D 82 -12.13 27.75 10.83
N LEU D 83 -11.51 26.58 10.84
CA LEU D 83 -12.06 25.44 10.12
C LEU D 83 -12.05 24.09 10.85
N GLN D 84 -13.18 23.78 11.53
CA GLN D 84 -13.38 22.55 12.31
C GLN D 84 -13.86 21.40 11.50
N MET D 85 -13.09 20.34 11.62
CA MET D 85 -13.37 19.14 10.89
C MET D 85 -13.64 18.02 11.85
N ASN D 86 -14.76 17.32 11.69
CA ASN D 86 -15.14 16.26 12.60
C ASN D 86 -15.39 14.95 11.86
N SER D 87 -15.24 13.86 12.59
CA SER D 87 -15.51 12.53 12.07
C SER D 87 -14.50 12.19 10.97
N LEU D 88 -13.24 12.62 11.16
CA LEU D 88 -12.12 12.49 10.20
C LEU D 88 -11.69 11.11 9.72
N ARG D 89 -11.39 10.96 8.44
CA ARG D 89 -10.96 9.68 7.91
C ARG D 89 -9.59 9.73 7.29
N ALA D 90 -9.08 8.57 6.85
CA ALA D 90 -7.74 8.50 6.25
C ALA D 90 -7.74 9.41 5.04
N GLU D 91 -8.72 9.20 4.16
CA GLU D 91 -8.89 10.04 3.00
C GLU D 91 -8.51 11.53 3.26
N ASP D 92 -8.92 12.06 4.41
CA ASP D 92 -8.78 13.49 4.74
C ASP D 92 -7.38 14.01 5.09
N THR D 93 -6.41 13.12 5.09
CA THR D 93 -5.03 13.51 5.37
C THR D 93 -4.45 14.42 4.29
N GLY D 94 -3.76 15.48 4.67
CA GLY D 94 -3.19 16.33 3.64
C GLY D 94 -2.64 17.63 4.18
N ILE D 95 -2.38 18.57 3.29
CA ILE D 95 -2.00 19.89 3.72
C ILE D 95 -3.15 20.85 3.40
N TYR D 96 -3.55 21.65 4.36
CA TYR D 96 -4.63 22.58 4.10
C TYR D 96 -4.14 23.97 3.85
N TYR D 97 -4.36 24.45 2.64
CA TYR D 97 -3.98 25.81 2.27
C TYR D 97 -5.12 26.71 2.58
N CYS D 98 -4.81 27.92 2.99
CA CYS D 98 -5.83 28.87 3.38
C CYS D 98 -5.67 29.99 2.37
N VAL D 99 -6.67 30.17 1.51
CA VAL D 99 -6.58 31.16 0.43
C VAL D 99 -7.72 32.12 0.43
N LEU D 100 -7.41 33.41 0.38
CA LEU D 100 -8.45 34.40 0.39
C LEU D 100 -8.31 35.30 -0.78
N ARG D 101 -9.43 35.62 -1.41
CA ARG D 101 -9.40 36.51 -2.56
C ARG D 101 -10.44 37.55 -2.41
N PRO D 102 -10.11 38.80 -2.70
CA PRO D 102 -11.08 39.88 -2.59
C PRO D 102 -11.83 40.07 -3.90
N LEU D 103 -13.07 40.55 -3.75
CA LEU D 103 -14.00 40.74 -4.85
C LEU D 103 -13.91 42.11 -5.53
N PHE D 104 -12.67 42.55 -5.75
CA PHE D 104 -12.43 43.78 -6.48
C PHE D 104 -12.81 43.33 -7.85
N TYR D 105 -12.88 44.23 -8.82
CA TYR D 105 -13.27 43.76 -10.11
C TYR D 105 -12.24 42.75 -10.50
N TYR D 106 -10.96 43.18 -10.48
CA TYR D 106 -9.83 42.25 -10.70
C TYR D 106 -8.54 42.52 -9.97
N ALA D 107 -8.01 41.39 -9.53
CA ALA D 107 -6.71 41.25 -8.92
C ALA D 107 -6.66 39.74 -8.77
N VAL D 108 -5.82 39.25 -7.88
CA VAL D 108 -5.69 37.83 -7.77
C VAL D 108 -5.86 37.51 -6.33
N ASP D 109 -6.18 36.25 -6.07
CA ASP D 109 -6.37 35.74 -4.73
C ASP D 109 -5.02 35.61 -4.08
N TYR D 110 -5.01 35.19 -2.84
CA TYR D 110 -3.78 34.99 -2.18
C TYR D 110 -3.83 33.62 -1.61
N TRP D 111 -2.69 33.11 -1.17
CA TRP D 111 -2.60 31.80 -0.54
C TRP D 111 -1.59 31.96 0.57
N GLY D 112 -1.51 30.97 1.46
CA GLY D 112 -0.55 30.97 2.54
C GLY D 112 0.31 29.76 2.33
N GLN D 113 0.76 29.09 3.39
CA GLN D 113 1.63 27.93 3.22
C GLN D 113 1.13 26.55 3.67
N GLY D 114 0.15 26.49 4.58
CA GLY D 114 -0.42 25.20 4.97
C GLY D 114 0.06 24.68 6.29
N THR D 115 -0.25 23.40 6.55
CA THR D 115 0.16 22.61 7.74
C THR D 115 -0.33 21.16 7.52
N SER D 116 0.45 20.15 7.92
CA SER D 116 -0.01 18.76 7.72
C SER D 116 -1.13 18.37 8.66
N VAL D 117 -2.06 17.55 8.20
CA VAL D 117 -3.05 16.96 9.12
C VAL D 117 -2.96 15.50 8.81
N THR D 118 -2.82 14.69 9.85
CA THR D 118 -2.55 13.28 9.66
C THR D 118 -3.52 12.42 10.41
N VAL D 119 -4.33 11.72 9.65
CA VAL D 119 -5.31 10.84 10.23
C VAL D 119 -4.59 9.49 10.19
N SER D 120 -4.19 9.02 11.36
CA SER D 120 -3.56 7.73 11.48
C SER D 120 -4.06 7.16 12.79
N SER D 121 -4.13 5.85 12.84
CA SER D 121 -4.56 5.15 14.01
C SER D 121 -3.41 5.03 15.04
N ALA D 122 -2.18 5.38 14.63
CA ALA D 122 -0.98 5.14 15.43
C ALA D 122 -0.58 6.21 16.42
N LYS D 123 0.72 6.27 16.78
CA LYS D 123 1.19 7.22 17.77
C LYS D 123 2.56 7.84 17.49
N THR D 124 2.78 9.05 17.99
CA THR D 124 4.03 9.78 17.76
C THR D 124 5.24 8.95 18.19
N THR D 125 6.38 9.25 17.57
CA THR D 125 7.69 8.63 17.85
C THR D 125 8.75 9.59 17.30
N PRO D 126 9.75 9.94 18.12
CA PRO D 126 10.86 10.85 17.79
C PRO D 126 11.82 10.23 16.81
N PRO D 127 12.68 11.05 16.18
CA PRO D 127 13.64 10.51 15.21
C PRO D 127 14.93 10.04 15.84
N SER D 128 15.54 9.01 15.24
CA SER D 128 16.88 8.56 15.63
C SER D 128 17.91 8.98 14.55
N VAL D 129 18.35 10.24 14.59
CA VAL D 129 19.37 10.73 13.63
C VAL D 129 20.55 9.79 13.78
N TYR D 130 21.52 9.91 12.86
CA TYR D 130 22.82 9.25 12.99
C TYR D 130 23.71 9.97 12.04
N PRO D 131 25.03 9.90 12.29
CA PRO D 131 26.01 10.55 11.42
C PRO D 131 26.36 9.58 10.28
N LEU D 132 26.84 10.12 9.15
CA LEU D 132 27.35 9.28 8.05
C LEU D 132 28.70 9.76 7.53
N ALA D 133 29.70 9.72 8.39
CA ALA D 133 31.06 10.05 7.98
C ALA D 133 31.35 9.02 6.86
N PRO D 134 32.55 9.02 6.26
CA PRO D 134 32.74 8.03 5.20
C PRO D 134 32.97 6.49 5.26
N GLY D 135 33.76 5.94 6.18
CA GLY D 135 34.05 4.50 6.03
C GLY D 135 35.58 4.29 6.00
N SER D 136 36.23 4.13 4.84
CA SER D 136 37.73 4.25 4.84
C SER D 136 38.38 5.06 3.69
N ALA D 137 37.57 5.50 2.72
CA ALA D 137 38.02 6.30 1.57
C ALA D 137 36.90 6.75 0.57
N ALA D 138 36.52 8.05 0.65
CA ALA D 138 35.56 8.69 -0.29
C ALA D 138 36.42 9.20 -1.48
N GLN D 139 36.33 8.50 -2.62
CA GLN D 139 37.30 8.73 -3.69
C GLN D 139 36.87 9.53 -4.94
N THR D 140 35.69 9.21 -5.54
CA THR D 140 35.18 9.88 -6.80
C THR D 140 35.69 11.31 -6.87
N ASN D 141 36.90 11.48 -7.45
CA ASN D 141 37.59 12.79 -7.62
C ASN D 141 37.86 13.61 -6.29
N SER D 142 38.35 14.86 -6.34
CA SER D 142 38.58 15.61 -5.08
C SER D 142 37.35 16.37 -4.41
N MET D 143 36.76 15.78 -3.35
CA MET D 143 35.55 16.27 -2.65
C MET D 143 35.01 15.09 -1.80
N VAL D 144 34.11 15.34 -0.84
CA VAL D 144 33.61 14.23 -0.02
C VAL D 144 32.11 14.21 0.32
N THR D 145 31.57 13.02 0.50
CA THR D 145 30.18 12.92 0.78
C THR D 145 29.99 12.50 2.22
N LEU D 146 29.15 13.25 2.92
CA LEU D 146 28.80 13.02 4.31
C LEU D 146 27.27 13.08 4.35
N GLY D 147 26.63 12.47 5.35
CA GLY D 147 25.17 12.47 5.39
C GLY D 147 24.54 12.18 6.76
N CYS D 148 23.23 12.11 6.77
CA CYS D 148 22.52 11.85 8.00
C CYS D 148 21.38 10.97 7.67
N LEU D 149 21.21 9.93 8.47
CA LEU D 149 20.14 8.95 8.31
C LEU D 149 19.12 9.21 9.40
N VAL D 150 17.88 9.50 9.05
CA VAL D 150 16.88 9.74 10.08
C VAL D 150 15.84 8.68 10.12
N LYS D 151 16.06 7.75 11.03
CA LYS D 151 15.30 6.53 11.16
C LYS D 151 14.28 6.59 12.31
N GLY D 152 13.01 6.42 11.96
CA GLY D 152 12.01 6.21 12.97
C GLY D 152 11.40 7.38 13.71
N TYR D 153 10.52 8.13 13.06
CA TYR D 153 9.78 9.18 13.73
C TYR D 153 8.43 9.05 13.10
N PHE D 154 7.38 9.65 13.64
CA PHE D 154 6.13 9.44 12.96
C PHE D 154 5.23 10.51 12.31
N PRO D 155 4.71 11.50 13.05
CA PRO D 155 3.92 12.38 12.17
C PRO D 155 4.94 12.92 11.10
N GLU D 156 4.46 13.10 9.86
CA GLU D 156 5.28 13.52 8.70
C GLU D 156 6.03 14.86 8.68
N PRO D 157 5.46 15.93 9.23
CA PRO D 157 6.29 17.15 9.14
C PRO D 157 7.69 16.95 9.74
N VAL D 158 8.74 17.30 9.00
CA VAL D 158 10.12 17.19 9.44
C VAL D 158 11.02 18.25 8.71
N THR D 159 12.17 18.55 9.29
CA THR D 159 13.10 19.49 8.66
C THR D 159 14.55 19.23 9.08
N VAL D 160 15.45 19.24 8.08
CA VAL D 160 16.90 18.93 8.22
C VAL D 160 17.83 19.95 7.51
N THR D 161 18.51 20.75 8.32
CA THR D 161 19.41 21.74 7.79
C THR D 161 20.76 21.08 7.87
N TRP D 162 21.72 21.74 7.23
CA TRP D 162 23.11 21.38 7.36
C TRP D 162 23.84 22.59 7.91
N ASN D 163 24.38 22.39 9.11
CA ASN D 163 25.12 23.39 9.87
C ASN D 163 24.27 24.63 9.91
N SER D 164 23.33 24.64 10.86
CA SER D 164 22.44 25.78 11.03
C SER D 164 22.14 26.54 9.71
N GLY D 165 21.78 25.72 8.72
CA GLY D 165 21.36 26.22 7.43
C GLY D 165 22.30 27.20 6.74
N SER D 166 23.57 27.19 7.15
CA SER D 166 24.58 28.10 6.57
C SER D 166 25.14 27.68 5.20
N LEU D 167 25.31 26.36 5.01
CA LEU D 167 25.87 25.80 3.78
C LEU D 167 24.85 24.92 3.04
N SER D 168 24.40 25.44 1.90
CA SER D 168 23.42 24.78 1.05
C SER D 168 24.11 24.01 -0.06
N SER D 169 25.20 24.61 -0.57
CA SER D 169 25.93 24.12 -1.75
C SER D 169 26.08 22.59 -1.89
N GLY D 170 25.05 21.92 -2.41
CA GLY D 170 25.15 20.49 -2.60
C GLY D 170 24.47 19.65 -1.54
N VAL D 171 23.56 20.30 -0.84
CA VAL D 171 22.72 19.58 0.11
C VAL D 171 21.70 18.81 -0.76
N HIS D 172 21.36 17.62 -0.33
CA HIS D 172 20.36 16.80 -1.01
C HIS D 172 19.54 16.10 0.06
N THR D 173 18.43 16.70 0.45
CA THR D 173 17.60 16.01 1.36
C THR D 173 16.74 15.18 0.39
N PHE D 174 16.21 14.07 0.88
CA PHE D 174 15.42 13.13 0.10
C PHE D 174 14.02 12.94 0.64
N PRO D 175 13.07 12.71 -0.25
CA PRO D 175 11.68 12.50 0.17
C PRO D 175 11.64 11.22 1.06
N ALA D 176 11.09 11.34 2.27
CA ALA D 176 11.02 10.21 3.20
C ALA D 176 10.20 9.01 2.68
N VAL D 177 10.31 7.89 3.40
CA VAL D 177 9.62 6.65 3.08
C VAL D 177 8.90 6.16 4.30
N LEU D 178 8.23 5.02 4.19
CA LEU D 178 7.42 4.54 5.28
C LEU D 178 7.33 3.07 5.08
N GLN D 179 7.82 2.32 6.05
CA GLN D 179 7.64 0.87 6.10
C GLN D 179 7.39 0.53 7.55
N SER D 180 6.12 0.28 7.90
CA SER D 180 5.70 -0.04 9.28
C SER D 180 5.35 1.18 10.11
N ASP D 181 4.34 1.94 9.67
CA ASP D 181 3.93 3.17 10.37
C ASP D 181 5.14 3.90 11.03
N LEU D 182 6.18 4.15 10.22
CA LEU D 182 7.44 4.79 10.64
C LEU D 182 8.22 5.29 9.41
N TYR D 183 8.89 6.43 9.52
CA TYR D 183 9.63 6.95 8.38
C TYR D 183 11.08 6.97 8.64
N THR D 184 11.82 7.06 7.56
CA THR D 184 13.24 7.04 7.61
C THR D 184 13.58 7.78 6.39
N LEU D 185 14.46 8.75 6.54
CA LEU D 185 14.82 9.63 5.45
C LEU D 185 16.19 10.13 5.77
N SER D 186 16.96 10.54 4.78
CA SER D 186 18.32 11.00 5.01
C SER D 186 18.77 12.02 4.00
N SER D 187 19.77 12.82 4.35
CA SER D 187 20.19 13.85 3.43
C SER D 187 21.66 13.68 3.08
N SER D 188 22.25 14.66 2.40
CA SER D 188 23.68 14.59 2.06
C SER D 188 24.28 15.84 1.47
N VAL D 189 25.48 16.15 1.95
CA VAL D 189 26.26 17.31 1.55
C VAL D 189 27.59 16.85 0.98
N THR D 190 27.99 17.39 -0.17
CA THR D 190 29.33 17.10 -0.67
C THR D 190 30.13 18.37 -0.54
N VAL D 191 31.01 18.39 0.45
CA VAL D 191 31.84 19.56 0.76
C VAL D 191 33.11 19.64 -0.13
N PRO D 192 34.19 20.31 0.34
CA PRO D 192 35.38 20.37 -0.53
C PRO D 192 36.44 19.27 -0.43
N SER D 193 36.97 18.96 -1.61
CA SER D 193 38.06 18.05 -1.91
C SER D 193 38.89 17.64 -0.74
N THR D 194 39.35 18.65 -0.01
CA THR D 194 40.06 18.41 1.23
C THR D 194 39.05 17.86 2.22
N TRP D 195 39.15 16.57 2.60
CA TRP D 195 38.41 16.08 3.79
C TRP D 195 38.82 17.20 4.80
N ARG D 196 37.87 17.91 5.39
CA ARG D 196 38.38 19.07 6.13
C ARG D 196 38.51 18.77 7.63
N PRO D 197 38.80 19.82 8.39
CA PRO D 197 38.85 19.54 9.81
C PRO D 197 37.30 19.48 9.90
N SER D 198 36.76 18.27 9.56
CA SER D 198 35.31 18.03 9.43
C SER D 198 34.66 18.74 10.64
N GLU D 199 35.50 18.99 11.65
CA GLU D 199 35.22 19.68 12.92
C GLU D 199 34.10 20.71 12.79
N THR D 200 34.02 21.32 11.62
CA THR D 200 32.99 22.28 11.48
C THR D 200 31.60 21.63 11.29
N VAL D 201 31.51 20.71 10.32
CA VAL D 201 30.24 20.12 9.87
C VAL D 201 29.27 19.47 10.88
N THR D 202 28.11 20.10 11.06
CA THR D 202 27.03 19.72 12.00
C THR D 202 25.69 19.55 11.27
N CYS D 203 25.03 18.39 11.37
CA CYS D 203 23.77 18.15 10.65
C CYS D 203 22.60 18.30 11.59
N ASN D 204 22.06 19.50 11.62
CA ASN D 204 20.99 19.86 12.56
C ASN D 204 19.64 19.32 12.13
N VAL D 205 18.79 18.91 13.10
CA VAL D 205 17.47 18.41 12.74
C VAL D 205 16.31 18.93 13.55
N ALA D 206 15.16 19.14 12.89
CA ALA D 206 13.92 19.64 13.50
C ALA D 206 12.72 18.72 13.35
N HIS D 207 12.03 18.40 14.45
CA HIS D 207 10.82 17.57 14.44
C HIS D 207 9.83 18.02 15.54
N PRO D 208 8.73 18.74 15.16
CA PRO D 208 7.62 19.32 15.94
C PRO D 208 6.98 18.50 17.05
N ALA D 209 6.97 17.18 16.94
CA ALA D 209 6.44 16.37 18.02
C ALA D 209 7.57 16.15 18.99
N SER D 210 8.08 17.28 19.49
CA SER D 210 9.07 17.40 20.57
C SER D 210 10.61 17.33 20.39
N SER D 211 11.16 17.28 19.19
CA SER D 211 12.61 17.03 19.10
C SER D 211 13.46 18.16 18.48
N THR D 212 14.79 18.01 18.61
CA THR D 212 15.79 18.83 17.92
C THR D 212 17.12 18.19 18.20
N LYS D 213 17.58 17.32 17.29
CA LYS D 213 18.85 16.63 17.50
C LYS D 213 19.91 17.49 16.88
N VAL D 214 21.05 16.89 16.56
CA VAL D 214 22.16 17.64 16.04
C VAL D 214 23.22 16.60 15.78
N ASP D 215 24.32 16.96 15.11
CA ASP D 215 25.38 15.99 14.93
C ASP D 215 26.78 16.43 14.51
N LYS D 216 27.57 15.41 14.19
CA LYS D 216 29.03 15.51 14.06
C LYS D 216 29.55 14.41 13.15
N LYS D 217 30.72 14.58 12.53
CA LYS D 217 31.34 13.50 11.71
C LYS D 217 32.70 12.89 12.30
N ILE D 218 33.12 11.67 11.88
CA ILE D 218 34.35 11.02 12.41
C ILE D 218 35.66 11.59 11.83
#